data_7BCW
#
_entry.id   7BCW
#
_cell.length_a   1.00
_cell.length_b   1.00
_cell.length_c   1.00
_cell.angle_alpha   90.00
_cell.angle_beta   90.00
_cell.angle_gamma   90.00
#
_symmetry.space_group_name_H-M   'P 1'
#
loop_
_entity.id
_entity.type
_entity.pdbx_description
1 polymer 'ATP-dependent lipid A-core flippase'
2 non-polymer 'VANADATE ION'
3 non-polymer "ADENOSINE-5'-DIPHOSPHATE"
4 non-polymer 'MAGNESIUM ION'
5 non-polymer '(2S)-3-(hexadecanoyloxy)-2-[(9Z)-octadec-9-enoyloxy]propyl 2-(trimethylammonio)ethyl phosphate'
#
_entity_poly.entity_id   1
_entity_poly.type   'polypeptide(L)'
_entity_poly.pdbx_seq_one_letter_code
;MGHHHHHHENLYFQGSMHNDKDLSTWQTFRRLWPTIAPFKAGLIVAGVALILNAASDTFMLSLLKPLLDDGFGKTDRSVL
VWMPLVVIGLMILRGITSYVSSYCISWVSGKVVMTMRRRLFGHMMGMPVSFFDKQSTGTLLSRITYDSEQVASSSSGALI
TVVREGASIIGLFIMMFYYSWQLSIILIVLAPIVSIAIRVVSKRFRNISKNMQNTMGQVTTSAEQMLKGHKEVLIFGGQE
VETKRFDKVSNRMRLQGMKMVSASSISDPIIQLIASLALAFVLYAASFPSVMDSLTAGTITVVFSSMIALMRPLKSLTNV
NAQFQRGMAACQTLFTILDSEQEKDEGKRVIERATGDVEFRNVTFTYPGRDVPALRNINLKIPAGKTVALVGRSGSGKST
IASLITRFYDIDEGEILMDGHDLREYTLASLRNQVALVSQNVHLFNDTVANNIAYARTEQYSREQIEEAARMAYAMDFIN
KMDNGLDTVIGENGVLLSGGQRQRIAIARALLRDSPILILDEATSALDTESERAIQAALDELQKNRTSLVIAHRLSTIEK
ADEIVVVEDGVIVERGTHNDLLEHRGVYAQLHKMQFGQ
;
_entity_poly.pdbx_strand_id   A,B
#
loop_
_chem_comp.id
_chem_comp.type
_chem_comp.name
_chem_comp.formula
ADP non-polymer ADENOSINE-5'-DIPHOSPHATE 'C10 H15 N5 O10 P2'
MG non-polymer 'MAGNESIUM ION' 'Mg 2'
POV non-polymer '(2S)-3-(hexadecanoyloxy)-2-[(9Z)-octadec-9-enoyloxy]propyl 2-(trimethylammonio)ethyl phosphate' 'C42 H82 N O8 P'
VO4 non-polymer 'VANADATE ION' 'O4 V -3'
#
# COMPACT_ATOMS: atom_id res chain seq x y z
N ASP A 22 1.70 -24.16 -6.04
CA ASP A 22 3.10 -23.88 -5.81
C ASP A 22 3.97 -24.37 -6.98
N LEU A 23 4.59 -23.43 -7.68
CA LEU A 23 5.40 -23.73 -8.85
C LEU A 23 6.87 -23.65 -8.50
N SER A 24 7.66 -24.55 -9.07
CA SER A 24 9.09 -24.57 -8.85
C SER A 24 9.74 -23.32 -9.46
N THR A 25 10.91 -22.96 -8.94
CA THR A 25 11.54 -21.71 -9.31
C THR A 25 12.07 -21.69 -10.73
N TRP A 26 12.08 -22.82 -11.44
CA TRP A 26 12.28 -22.78 -12.88
C TRP A 26 10.99 -22.92 -13.66
N GLN A 27 9.93 -23.43 -13.04
CA GLN A 27 8.63 -23.41 -13.70
C GLN A 27 8.10 -21.99 -13.82
N THR A 28 8.40 -21.13 -12.83
CA THR A 28 7.93 -19.76 -12.89
C THR A 28 8.54 -19.00 -14.05
N PHE A 29 9.79 -19.29 -14.42
CA PHE A 29 10.40 -18.60 -15.54
C PHE A 29 9.78 -19.02 -16.86
N ARG A 30 9.48 -20.31 -17.01
CA ARG A 30 8.78 -20.73 -18.22
C ARG A 30 7.35 -20.21 -18.24
N ARG A 31 6.77 -19.94 -17.07
CA ARG A 31 5.49 -19.25 -17.04
C ARG A 31 5.63 -17.77 -17.34
N LEU A 32 6.84 -17.23 -17.18
CA LEU A 32 7.09 -15.81 -17.40
C LEU A 32 7.71 -15.50 -18.75
N TRP A 33 8.23 -16.51 -19.45
CA TRP A 33 9.00 -16.25 -20.66
C TRP A 33 8.28 -15.41 -21.70
N PRO A 34 6.99 -15.59 -21.99
CA PRO A 34 6.36 -14.72 -22.99
C PRO A 34 6.44 -13.24 -22.66
N THR A 35 6.46 -12.88 -21.38
CA THR A 35 6.64 -11.47 -21.02
C THR A 35 8.06 -11.00 -21.30
N ILE A 36 9.06 -11.83 -20.99
CA ILE A 36 10.44 -11.43 -21.16
C ILE A 36 10.87 -11.48 -22.62
N ALA A 37 10.19 -12.26 -23.44
CA ALA A 37 10.66 -12.53 -24.81
C ALA A 37 11.00 -11.30 -25.63
N PRO A 38 10.24 -10.20 -25.61
CA PRO A 38 10.63 -9.05 -26.42
C PRO A 38 12.01 -8.51 -26.09
N PHE A 39 12.46 -8.61 -24.84
CA PHE A 39 13.73 -8.05 -24.41
C PHE A 39 14.86 -9.06 -24.43
N LYS A 40 14.66 -10.24 -25.02
CA LYS A 40 15.71 -11.25 -25.00
C LYS A 40 16.96 -10.79 -25.74
N ALA A 41 16.83 -9.85 -26.68
CA ALA A 41 18.01 -9.30 -27.34
C ALA A 41 18.90 -8.59 -26.35
N GLY A 42 18.32 -7.92 -25.37
CA GLY A 42 19.08 -7.28 -24.32
C GLY A 42 19.59 -8.21 -23.25
N LEU A 43 19.27 -9.50 -23.34
CA LEU A 43 19.76 -10.49 -22.39
C LEU A 43 20.92 -11.31 -22.91
N ILE A 44 21.09 -11.41 -24.23
CA ILE A 44 22.23 -12.15 -24.77
C ILE A 44 23.54 -11.45 -24.41
N VAL A 45 23.56 -10.13 -24.52
CA VAL A 45 24.77 -9.39 -24.15
C VAL A 45 25.04 -9.55 -22.66
N ALA A 46 24.00 -9.55 -21.84
CA ALA A 46 24.19 -9.76 -20.41
C ALA A 46 24.74 -11.15 -20.13
N GLY A 47 24.24 -12.16 -20.83
CA GLY A 47 24.75 -13.50 -20.62
C GLY A 47 26.20 -13.66 -21.03
N VAL A 48 26.57 -13.09 -22.18
CA VAL A 48 27.96 -13.15 -22.63
C VAL A 48 28.85 -12.39 -21.66
N ALA A 49 28.38 -11.25 -21.15
CA ALA A 49 29.16 -10.51 -20.17
C ALA A 49 29.35 -11.32 -18.89
N LEU A 50 28.30 -12.03 -18.47
CA LEU A 50 28.43 -12.88 -17.28
C LEU A 50 29.43 -14.00 -17.51
N ILE A 51 29.40 -14.61 -18.69
CA ILE A 51 30.37 -15.67 -19.01
C ILE A 51 31.79 -15.12 -18.94
N LEU A 52 32.01 -13.95 -19.54
CA LEU A 52 33.34 -13.37 -19.53
C LEU A 52 33.76 -12.96 -18.12
N ASN A 53 32.82 -12.48 -17.31
CA ASN A 53 33.15 -12.14 -15.93
C ASN A 53 33.59 -13.37 -15.15
N ALA A 54 32.84 -14.47 -15.29
CA ALA A 54 33.22 -15.69 -14.60
C ALA A 54 34.57 -16.19 -15.07
N ALA A 55 34.82 -16.12 -16.39
CA ALA A 55 36.11 -16.54 -16.92
C ALA A 55 37.23 -15.69 -16.37
N SER A 56 37.03 -14.37 -16.30
CA SER A 56 38.06 -13.50 -15.77
C SER A 56 38.36 -13.81 -14.32
N ASP A 57 37.32 -14.01 -13.51
CA ASP A 57 37.53 -14.30 -12.09
C ASP A 57 38.27 -15.64 -11.93
N THR A 58 37.84 -16.65 -12.68
CA THR A 58 38.49 -17.96 -12.58
C THR A 58 39.96 -17.87 -12.99
N PHE A 59 40.25 -17.16 -14.09
CA PHE A 59 41.64 -17.03 -14.53
C PHE A 59 42.45 -16.23 -13.52
N MET A 60 41.83 -15.26 -12.86
CA MET A 60 42.52 -14.51 -11.82
C MET A 60 42.88 -15.40 -10.64
N LEU A 61 41.98 -16.31 -10.27
CA LEU A 61 42.29 -17.21 -9.16
C LEU A 61 43.31 -18.25 -9.57
N SER A 62 43.28 -18.71 -10.82
CA SER A 62 44.29 -19.62 -11.31
C SER A 62 45.66 -18.98 -11.41
N LEU A 63 45.74 -17.64 -11.29
CA LEU A 63 46.99 -16.93 -11.35
C LEU A 63 47.90 -17.23 -10.16
N LEU A 64 47.38 -17.89 -9.13
CA LEU A 64 48.23 -18.33 -8.03
C LEU A 64 49.15 -19.47 -8.43
N LYS A 65 48.79 -20.23 -9.46
CA LYS A 65 49.59 -21.38 -9.87
C LYS A 65 50.99 -21.02 -10.34
N PRO A 66 51.20 -20.05 -11.24
CA PRO A 66 52.54 -19.87 -11.80
C PRO A 66 53.53 -19.16 -10.89
N LEU A 67 53.08 -18.51 -9.82
CA LEU A 67 54.01 -17.81 -8.93
C LEU A 67 54.42 -18.65 -7.73
N LEU A 68 54.04 -19.92 -7.70
CA LEU A 68 54.65 -20.88 -6.77
C LEU A 68 55.45 -21.95 -7.47
N ASP A 69 55.06 -22.37 -8.67
CA ASP A 69 55.84 -23.35 -9.40
C ASP A 69 57.00 -22.70 -10.15
N ASP A 70 56.68 -21.80 -11.08
CA ASP A 70 57.69 -21.18 -11.92
C ASP A 70 58.10 -19.79 -11.44
N GLY A 71 57.25 -19.13 -10.65
CA GLY A 71 57.57 -17.78 -10.21
C GLY A 71 58.77 -17.73 -9.30
N PHE A 72 58.84 -18.64 -8.33
CA PHE A 72 59.93 -18.64 -7.36
C PHE A 72 61.14 -19.40 -7.88
N GLY A 73 62.30 -18.75 -7.83
CA GLY A 73 63.58 -19.33 -8.17
C GLY A 73 64.65 -18.43 -7.58
N LYS A 74 65.90 -18.85 -7.74
CA LYS A 74 67.03 -18.08 -7.22
C LYS A 74 67.18 -16.80 -8.03
N THR A 75 66.70 -15.69 -7.49
CA THR A 75 66.68 -14.39 -8.16
C THR A 75 65.95 -14.50 -9.50
N ASP A 76 64.72 -14.97 -9.43
CA ASP A 76 63.91 -15.24 -10.61
C ASP A 76 62.60 -14.46 -10.53
N ARG A 77 62.35 -13.64 -11.55
CA ARG A 77 61.10 -12.91 -11.68
C ARG A 77 60.61 -12.98 -13.13
N SER A 78 60.76 -14.15 -13.75
CA SER A 78 60.51 -14.28 -15.18
C SER A 78 59.08 -13.92 -15.54
N VAL A 79 58.12 -14.31 -14.70
CA VAL A 79 56.72 -13.99 -14.95
C VAL A 79 56.34 -12.77 -14.11
N LEU A 80 56.96 -12.65 -12.94
CA LEU A 80 56.66 -11.55 -12.04
C LEU A 80 57.01 -10.19 -12.63
N VAL A 81 57.85 -10.15 -13.67
CA VAL A 81 58.19 -8.88 -14.29
C VAL A 81 56.98 -8.29 -15.02
N TRP A 82 56.15 -9.14 -15.62
CA TRP A 82 54.97 -8.70 -16.35
C TRP A 82 53.67 -9.15 -15.66
N MET A 83 53.74 -9.54 -14.40
CA MET A 83 52.58 -10.11 -13.74
C MET A 83 51.52 -9.10 -13.30
N PRO A 84 51.84 -8.11 -12.46
CA PRO A 84 50.76 -7.28 -11.89
C PRO A 84 50.02 -6.45 -12.93
N LEU A 85 50.69 -6.09 -14.03
CA LEU A 85 50.00 -5.39 -15.11
C LEU A 85 48.88 -6.25 -15.68
N VAL A 86 49.12 -7.56 -15.77
CA VAL A 86 48.08 -8.48 -16.23
C VAL A 86 46.92 -8.50 -15.23
N VAL A 87 47.23 -8.41 -13.94
CA VAL A 87 46.17 -8.36 -12.94
C VAL A 87 45.32 -7.10 -13.11
N ILE A 88 45.97 -5.95 -13.34
CA ILE A 88 45.22 -4.72 -13.53
C ILE A 88 44.35 -4.80 -14.77
N GLY A 89 44.91 -5.31 -15.87
CA GLY A 89 44.11 -5.44 -17.09
C GLY A 89 42.94 -6.38 -16.92
N LEU A 90 43.17 -7.52 -16.26
CA LEU A 90 42.09 -8.45 -16.00
C LEU A 90 41.03 -7.82 -15.10
N MET A 91 41.45 -6.99 -14.16
CA MET A 91 40.49 -6.31 -13.30
C MET A 91 39.64 -5.35 -14.10
N ILE A 92 40.24 -4.61 -15.04
CA ILE A 92 39.46 -3.70 -15.86
C ILE A 92 38.45 -4.47 -16.71
N LEU A 93 38.89 -5.59 -17.30
CA LEU A 93 37.98 -6.44 -18.05
C LEU A 93 36.81 -6.89 -17.17
N ARG A 94 37.11 -7.39 -15.97
CA ARG A 94 36.06 -7.85 -15.09
C ARG A 94 35.12 -6.71 -14.73
N GLY A 95 35.66 -5.52 -14.49
CA GLY A 95 34.82 -4.39 -14.12
C GLY A 95 33.84 -4.02 -15.21
N ILE A 96 34.32 -3.90 -16.45
CA ILE A 96 33.40 -3.47 -17.51
C ILE A 96 32.39 -4.57 -17.80
N THR A 97 32.81 -5.83 -17.78
CA THR A 97 31.86 -6.91 -18.04
C THR A 97 30.80 -6.98 -16.94
N SER A 98 31.22 -6.85 -15.68
CA SER A 98 30.26 -6.89 -14.59
C SER A 98 29.29 -5.72 -14.69
N TYR A 99 29.78 -4.54 -15.06
CA TYR A 99 28.89 -3.39 -15.18
C TYR A 99 27.85 -3.61 -16.27
N VAL A 100 28.29 -4.04 -17.46
CA VAL A 100 27.32 -4.18 -18.54
C VAL A 100 26.33 -5.30 -18.24
N SER A 101 26.79 -6.40 -17.65
CA SER A 101 25.89 -7.49 -17.31
C SER A 101 24.86 -7.02 -16.29
N SER A 102 25.31 -6.38 -15.21
CA SER A 102 24.39 -5.93 -14.18
C SER A 102 23.38 -4.95 -14.74
N TYR A 103 23.84 -3.97 -15.51
CA TYR A 103 22.91 -2.96 -16.01
C TYR A 103 21.90 -3.55 -16.97
N CYS A 104 22.34 -4.43 -17.88
CA CYS A 104 21.37 -4.97 -18.84
C CYS A 104 20.38 -5.90 -18.17
N ILE A 105 20.82 -6.73 -17.23
CA ILE A 105 19.88 -7.58 -16.51
C ILE A 105 18.89 -6.73 -15.72
N SER A 106 19.37 -5.66 -15.09
CA SER A 106 18.46 -4.80 -14.34
C SER A 106 17.49 -4.07 -15.27
N TRP A 107 17.93 -3.70 -16.47
CA TRP A 107 17.01 -3.07 -17.42
C TRP A 107 15.90 -4.02 -17.82
N VAL A 108 16.25 -5.26 -18.13
CA VAL A 108 15.23 -6.23 -18.48
C VAL A 108 14.29 -6.48 -17.31
N SER A 109 14.85 -6.57 -16.10
CA SER A 109 14.01 -6.74 -14.91
C SER A 109 13.06 -5.57 -14.73
N GLY A 110 13.55 -4.34 -14.93
CA GLY A 110 12.69 -3.18 -14.78
C GLY A 110 11.57 -3.15 -15.80
N LYS A 111 11.89 -3.48 -17.06
CA LYS A 111 10.85 -3.50 -18.07
C LYS A 111 9.81 -4.57 -17.77
N VAL A 112 10.25 -5.76 -17.34
CA VAL A 112 9.30 -6.82 -17.03
C VAL A 112 8.43 -6.43 -15.85
N VAL A 113 9.01 -5.80 -14.83
CA VAL A 113 8.23 -5.38 -13.67
C VAL A 113 7.23 -4.31 -14.08
N MET A 114 7.64 -3.37 -14.93
CA MET A 114 6.69 -2.40 -15.45
C MET A 114 5.52 -3.08 -16.15
N THR A 115 5.83 -4.06 -17.00
CA THR A 115 4.76 -4.73 -17.72
C THR A 115 3.81 -5.45 -16.78
N MET A 116 4.35 -6.18 -15.80
CA MET A 116 3.48 -6.89 -14.87
C MET A 116 2.64 -5.93 -14.05
N ARG A 117 3.25 -4.84 -13.56
CA ARG A 117 2.49 -3.87 -12.77
C ARG A 117 1.40 -3.21 -13.60
N ARG A 118 1.71 -2.81 -14.83
CA ARG A 118 0.72 -2.18 -15.68
C ARG A 118 -0.42 -3.13 -15.99
N ARG A 119 -0.11 -4.38 -16.33
CA ARG A 119 -1.16 -5.34 -16.63
C ARG A 119 -2.01 -5.64 -15.41
N LEU A 120 -1.39 -5.73 -14.23
CA LEU A 120 -2.15 -5.96 -13.01
C LEU A 120 -3.10 -4.82 -12.72
N PHE A 121 -2.62 -3.58 -12.83
CA PHE A 121 -3.50 -2.45 -12.57
C PHE A 121 -4.63 -2.40 -13.59
N GLY A 122 -4.29 -2.56 -14.87
CA GLY A 122 -5.33 -2.58 -15.89
C GLY A 122 -6.26 -3.76 -15.80
N HIS A 123 -5.91 -4.77 -15.01
CA HIS A 123 -6.79 -5.91 -14.83
C HIS A 123 -7.84 -5.64 -13.76
N MET A 124 -7.41 -5.34 -12.53
CA MET A 124 -8.36 -5.06 -11.48
C MET A 124 -9.20 -3.82 -11.79
N MET A 125 -8.75 -2.99 -12.72
CA MET A 125 -9.55 -1.87 -13.19
C MET A 125 -10.73 -2.33 -14.05
N GLY A 126 -10.77 -3.60 -14.43
CA GLY A 126 -11.82 -4.09 -15.29
C GLY A 126 -12.61 -5.25 -14.73
N MET A 127 -12.35 -5.63 -13.48
CA MET A 127 -13.11 -6.70 -12.87
C MET A 127 -14.55 -6.23 -12.58
N PRO A 128 -15.51 -7.15 -12.57
CA PRO A 128 -16.90 -6.75 -12.34
C PRO A 128 -17.11 -6.22 -10.95
N VAL A 129 -18.13 -5.36 -10.80
CA VAL A 129 -18.43 -4.78 -9.50
C VAL A 129 -18.85 -5.85 -8.50
N SER A 130 -19.36 -7.00 -8.97
CA SER A 130 -19.65 -8.09 -8.06
C SER A 130 -18.42 -8.50 -7.28
N PHE A 131 -17.25 -8.37 -7.89
CA PHE A 131 -15.99 -8.66 -7.20
C PHE A 131 -15.61 -7.55 -6.24
N PHE A 132 -15.91 -6.30 -6.58
CA PHE A 132 -15.53 -5.19 -5.72
C PHE A 132 -16.36 -5.11 -4.46
N ASP A 133 -17.52 -5.77 -4.44
CA ASP A 133 -18.41 -5.71 -3.28
C ASP A 133 -18.03 -6.70 -2.18
N LYS A 134 -17.00 -7.51 -2.39
CA LYS A 134 -16.60 -8.49 -1.40
C LYS A 134 -15.13 -8.42 -1.02
N GLN A 135 -14.31 -7.64 -1.72
CA GLN A 135 -12.89 -7.54 -1.46
C GLN A 135 -12.58 -6.18 -0.86
N SER A 136 -11.86 -6.18 0.27
CA SER A 136 -11.46 -4.92 0.88
C SER A 136 -10.41 -4.23 0.01
N THR A 137 -10.41 -2.89 0.08
CA THR A 137 -9.45 -2.12 -0.69
C THR A 137 -8.01 -2.44 -0.28
N GLY A 138 -7.81 -2.84 0.98
CA GLY A 138 -6.47 -3.08 1.46
C GLY A 138 -5.75 -4.16 0.68
N THR A 139 -6.43 -5.28 0.43
CA THR A 139 -5.76 -6.40 -0.23
C THR A 139 -5.35 -6.03 -1.65
N LEU A 140 -6.21 -5.33 -2.38
CA LEU A 140 -5.86 -4.96 -3.75
C LEU A 140 -4.73 -3.93 -3.77
N LEU A 141 -4.76 -2.97 -2.84
CA LEU A 141 -3.65 -2.04 -2.76
C LEU A 141 -2.35 -2.77 -2.41
N SER A 142 -2.44 -3.80 -1.58
CA SER A 142 -1.27 -4.63 -1.30
C SER A 142 -0.78 -5.32 -2.55
N ARG A 143 -1.71 -5.79 -3.38
CA ARG A 143 -1.31 -6.41 -4.65
C ARG A 143 -0.53 -5.41 -5.49
N ILE A 144 -1.00 -4.17 -5.58
CA ILE A 144 -0.34 -3.20 -6.45
C ILE A 144 1.01 -2.79 -5.88
N THR A 145 1.08 -2.47 -4.58
CA THR A 145 2.24 -1.78 -4.04
C THR A 145 3.16 -2.64 -3.20
N TYR A 146 2.83 -3.91 -2.97
CA TYR A 146 3.70 -4.79 -2.19
C TYR A 146 4.22 -5.96 -3.00
N ASP A 147 3.35 -6.76 -3.60
CA ASP A 147 3.80 -7.90 -4.39
C ASP A 147 4.65 -7.45 -5.56
N SER A 148 4.19 -6.43 -6.28
CA SER A 148 4.97 -5.90 -7.39
C SER A 148 6.30 -5.36 -6.90
N GLU A 149 6.30 -4.69 -5.75
CA GLU A 149 7.55 -4.18 -5.20
C GLU A 149 8.49 -5.31 -4.82
N GLN A 150 7.96 -6.39 -4.25
CA GLN A 150 8.81 -7.54 -3.92
C GLN A 150 9.41 -8.14 -5.18
N VAL A 151 8.61 -8.27 -6.24
CA VAL A 151 9.13 -8.79 -7.50
C VAL A 151 10.25 -7.90 -8.02
N ALA A 152 10.01 -6.58 -8.00
CA ALA A 152 11.01 -5.65 -8.51
C ALA A 152 12.31 -5.75 -7.72
N SER A 153 12.21 -5.75 -6.38
CA SER A 153 13.40 -5.79 -5.55
C SER A 153 14.16 -7.09 -5.75
N SER A 154 13.45 -8.22 -5.78
CA SER A 154 14.12 -9.51 -5.92
C SER A 154 14.78 -9.64 -7.29
N SER A 155 14.10 -9.20 -8.34
CA SER A 155 14.62 -9.38 -9.69
C SER A 155 15.58 -8.30 -10.12
N SER A 156 15.74 -7.23 -9.33
CA SER A 156 16.76 -6.23 -9.62
C SER A 156 17.99 -6.37 -8.74
N GLY A 157 17.81 -6.65 -7.45
CA GLY A 157 18.95 -6.76 -6.56
C GLY A 157 19.43 -8.18 -6.32
N ALA A 158 18.49 -9.08 -6.01
CA ALA A 158 18.88 -10.44 -5.66
C ALA A 158 19.23 -11.27 -6.89
N LEU A 159 18.54 -11.04 -8.00
CA LEU A 159 18.76 -11.88 -9.18
C LEU A 159 20.17 -11.73 -9.71
N ILE A 160 20.69 -10.50 -9.74
CA ILE A 160 22.04 -10.27 -10.23
C ILE A 160 23.05 -11.03 -9.37
N THR A 161 22.89 -10.93 -8.05
CA THR A 161 23.80 -11.64 -7.16
C THR A 161 23.72 -13.14 -7.37
N VAL A 162 22.50 -13.67 -7.48
CA VAL A 162 22.35 -15.12 -7.66
C VAL A 162 23.05 -15.57 -8.93
N VAL A 163 22.78 -14.89 -10.04
CA VAL A 163 23.33 -15.35 -11.32
C VAL A 163 24.84 -15.18 -11.36
N ARG A 164 25.35 -14.10 -10.76
CA ARG A 164 26.80 -13.90 -10.77
C ARG A 164 27.51 -14.94 -9.92
N GLU A 165 26.97 -15.24 -8.73
CA GLU A 165 27.59 -16.28 -7.93
C GLU A 165 27.48 -17.64 -8.58
N GLY A 166 26.39 -17.89 -9.31
CA GLY A 166 26.31 -19.13 -10.07
C GLY A 166 27.38 -19.22 -11.14
N ALA A 167 27.64 -18.11 -11.83
CA ALA A 167 28.72 -18.09 -12.83
C ALA A 167 30.07 -18.36 -12.18
N SER A 168 30.33 -17.71 -11.04
CA SER A 168 31.61 -17.93 -10.36
C SER A 168 31.74 -19.38 -9.92
N ILE A 169 30.65 -19.98 -9.41
CA ILE A 169 30.71 -21.35 -8.95
C ILE A 169 30.98 -22.31 -10.10
N ILE A 170 30.31 -22.11 -11.23
CA ILE A 170 30.55 -23.02 -12.35
C ILE A 170 31.97 -22.84 -12.89
N GLY A 171 32.50 -21.61 -12.84
CA GLY A 171 33.89 -21.42 -13.23
C GLY A 171 34.85 -22.15 -12.33
N LEU A 172 34.63 -22.07 -11.01
CA LEU A 172 35.49 -22.80 -10.08
C LEU A 172 35.37 -24.30 -10.31
N PHE A 173 34.17 -24.78 -10.61
CA PHE A 173 34.00 -26.21 -10.89
C PHE A 173 34.84 -26.63 -12.08
N ILE A 174 34.74 -25.91 -13.19
CA ILE A 174 35.48 -26.33 -14.37
C ILE A 174 36.98 -26.21 -14.14
N MET A 175 37.43 -25.21 -13.38
CA MET A 175 38.84 -25.08 -13.10
C MET A 175 39.36 -26.25 -12.26
N MET A 176 38.65 -26.57 -11.17
CA MET A 176 39.08 -27.66 -10.32
C MET A 176 39.05 -29.00 -11.04
N PHE A 177 38.12 -29.16 -12.00
CA PHE A 177 38.15 -30.38 -12.78
C PHE A 177 39.27 -30.36 -13.82
N TYR A 178 39.68 -29.18 -14.26
CA TYR A 178 40.77 -29.11 -15.22
C TYR A 178 42.10 -29.47 -14.58
N TYR A 179 42.39 -28.91 -13.40
CA TYR A 179 43.70 -29.13 -12.80
C TYR A 179 43.89 -30.56 -12.31
N SER A 180 42.90 -31.09 -11.58
CA SER A 180 43.04 -32.44 -11.02
C SER A 180 41.65 -33.00 -10.78
N TRP A 181 41.22 -33.90 -11.68
CA TRP A 181 39.94 -34.57 -11.47
C TRP A 181 39.97 -35.49 -10.26
N GLN A 182 41.10 -36.18 -10.06
CA GLN A 182 41.22 -37.12 -8.94
C GLN A 182 40.94 -36.45 -7.60
N LEU A 183 41.28 -35.18 -7.47
CA LEU A 183 41.03 -34.43 -6.24
C LEU A 183 39.70 -33.70 -6.27
N SER A 184 38.87 -33.92 -7.29
CA SER A 184 37.59 -33.22 -7.34
C SER A 184 36.45 -34.13 -7.80
N ILE A 185 36.59 -35.45 -7.67
CA ILE A 185 35.45 -36.32 -7.93
C ILE A 185 34.39 -36.17 -6.86
N ILE A 186 34.76 -35.66 -5.68
CA ILE A 186 33.80 -35.54 -4.59
C ILE A 186 32.72 -34.53 -4.93
N LEU A 187 33.02 -33.56 -5.80
CA LEU A 187 32.02 -32.56 -6.15
C LEU A 187 30.85 -33.19 -6.90
N ILE A 188 31.10 -34.26 -7.64
CA ILE A 188 30.01 -34.97 -8.29
C ILE A 188 29.06 -35.58 -7.27
N VAL A 189 29.60 -36.04 -6.14
CA VAL A 189 28.74 -36.62 -5.11
C VAL A 189 28.14 -35.56 -4.19
N LEU A 190 28.72 -34.35 -4.14
CA LEU A 190 28.19 -33.31 -3.26
C LEU A 190 27.27 -32.33 -3.96
N ALA A 191 27.29 -32.24 -5.29
CA ALA A 191 26.32 -31.39 -5.98
C ALA A 191 24.89 -31.83 -5.77
N PRO A 192 24.53 -33.12 -5.88
CA PRO A 192 23.14 -33.50 -5.64
C PRO A 192 22.65 -33.14 -4.24
N ILE A 193 23.48 -33.29 -3.22
CA ILE A 193 23.04 -32.99 -1.86
C ILE A 193 22.70 -31.51 -1.72
N VAL A 194 23.57 -30.65 -2.24
CA VAL A 194 23.30 -29.22 -2.15
C VAL A 194 22.09 -28.84 -2.99
N SER A 195 21.92 -29.49 -4.13
CA SER A 195 20.73 -29.22 -4.95
C SER A 195 19.45 -29.57 -4.20
N ILE A 196 19.43 -30.74 -3.56
CA ILE A 196 18.24 -31.17 -2.83
C ILE A 196 17.98 -30.22 -1.67
N ALA A 197 19.03 -29.84 -0.93
CA ALA A 197 18.84 -28.93 0.19
C ALA A 197 18.29 -27.59 -0.28
N ILE A 198 18.83 -27.04 -1.36
CA ILE A 198 18.36 -25.75 -1.85
C ILE A 198 16.93 -25.84 -2.32
N ARG A 199 16.56 -26.94 -2.99
CA ARG A 199 15.18 -27.09 -3.44
C ARG A 199 14.22 -27.14 -2.25
N VAL A 200 14.54 -27.98 -1.26
CA VAL A 200 13.62 -28.18 -0.14
C VAL A 200 13.56 -26.95 0.75
N VAL A 201 14.58 -26.10 0.75
CA VAL A 201 14.47 -24.86 1.52
C VAL A 201 13.78 -23.76 0.71
N SER A 202 13.93 -23.76 -0.62
CA SER A 202 13.24 -22.76 -1.41
C SER A 202 11.74 -22.98 -1.40
N LYS A 203 11.29 -24.23 -1.32
CA LYS A 203 9.85 -24.46 -1.19
C LYS A 203 9.31 -23.82 0.08
N ARG A 204 10.02 -24.01 1.20
CA ARG A 204 9.62 -23.37 2.45
C ARG A 204 9.62 -21.86 2.32
N PHE A 205 10.65 -21.32 1.65
CA PHE A 205 10.72 -19.87 1.48
C PHE A 205 9.51 -19.35 0.73
N ARG A 206 9.10 -20.04 -0.33
CA ARG A 206 7.95 -19.57 -1.10
C ARG A 206 6.66 -19.65 -0.28
N ASN A 207 6.46 -20.74 0.46
CA ASN A 207 5.25 -20.85 1.27
C ASN A 207 5.18 -19.74 2.31
N ILE A 208 6.29 -19.51 3.02
CA ILE A 208 6.30 -18.47 4.03
C ILE A 208 6.11 -17.11 3.39
N SER A 209 6.67 -16.91 2.20
CA SER A 209 6.50 -15.63 1.52
C SER A 209 5.04 -15.38 1.16
N LYS A 210 4.32 -16.41 0.72
CA LYS A 210 2.91 -16.22 0.38
C LYS A 210 2.09 -15.89 1.62
N ASN A 211 2.32 -16.62 2.72
CA ASN A 211 1.64 -16.26 3.96
C ASN A 211 1.98 -14.83 4.39
N MET A 212 3.23 -14.43 4.17
CA MET A 212 3.68 -13.10 4.52
C MET A 212 2.96 -12.04 3.67
N GLN A 213 2.74 -12.35 2.39
CA GLN A 213 1.97 -11.46 1.53
C GLN A 213 0.55 -11.29 2.05
N ASN A 214 -0.09 -12.40 2.44
CA ASN A 214 -1.44 -12.29 2.98
C ASN A 214 -1.45 -11.41 4.24
N THR A 215 -0.44 -11.58 5.09
CA THR A 215 -0.41 -10.78 6.30
C THR A 215 -0.21 -9.31 6.00
N MET A 216 0.64 -8.97 5.03
CA MET A 216 0.74 -7.57 4.61
C MET A 216 -0.58 -7.05 4.05
N GLY A 217 -1.31 -7.89 3.32
CA GLY A 217 -2.63 -7.49 2.88
C GLY A 217 -3.53 -7.12 4.04
N GLN A 218 -3.52 -7.93 5.09
CA GLN A 218 -4.33 -7.62 6.27
C GLN A 218 -3.84 -6.34 6.95
N VAL A 219 -2.52 -6.14 7.02
CA VAL A 219 -1.98 -4.93 7.64
C VAL A 219 -2.49 -3.69 6.92
N THR A 220 -2.37 -3.67 5.59
CA THR A 220 -2.80 -2.49 4.86
C THR A 220 -4.32 -2.35 4.86
N THR A 221 -5.05 -3.47 4.95
CA THR A 221 -6.50 -3.36 5.10
C THR A 221 -6.88 -2.66 6.40
N SER A 222 -6.21 -3.04 7.50
CA SER A 222 -6.49 -2.38 8.77
C SER A 222 -6.09 -0.91 8.72
N ALA A 223 -4.94 -0.60 8.12
CA ALA A 223 -4.52 0.78 8.00
C ALA A 223 -5.51 1.60 7.18
N GLU A 224 -6.03 1.03 6.10
CA GLU A 224 -6.97 1.77 5.26
C GLU A 224 -8.33 1.92 5.94
N GLN A 225 -8.76 0.92 6.71
CA GLN A 225 -9.99 1.07 7.47
C GLN A 225 -9.85 2.18 8.50
N MET A 226 -8.68 2.28 9.12
CA MET A 226 -8.40 3.41 10.01
C MET A 226 -8.47 4.73 9.27
N LEU A 227 -7.73 4.85 8.15
CA LEU A 227 -7.61 6.14 7.47
C LEU A 227 -8.95 6.60 6.92
N LYS A 228 -9.67 5.71 6.25
CA LYS A 228 -10.91 6.10 5.58
C LYS A 228 -11.99 6.47 6.59
N GLY A 229 -12.06 5.76 7.71
CA GLY A 229 -13.06 6.04 8.72
C GLY A 229 -12.50 6.78 9.91
N HIS A 230 -11.62 7.75 9.63
CA HIS A 230 -10.87 8.41 10.70
C HIS A 230 -11.80 9.22 11.61
N LYS A 231 -12.73 9.98 11.03
CA LYS A 231 -13.59 10.84 11.85
C LYS A 231 -14.43 10.02 12.82
N GLU A 232 -14.92 8.87 12.38
CA GLU A 232 -15.69 8.03 13.29
C GLU A 232 -14.80 7.40 14.35
N VAL A 233 -13.54 7.12 14.01
CA VAL A 233 -12.59 6.64 15.01
C VAL A 233 -12.44 7.67 16.12
N LEU A 234 -12.30 8.94 15.75
CA LEU A 234 -12.25 9.99 16.79
C LEU A 234 -13.54 10.07 17.57
N ILE A 235 -14.68 10.19 16.87
CA ILE A 235 -15.91 10.55 17.55
C ILE A 235 -16.44 9.42 18.42
N PHE A 236 -16.09 8.16 18.13
CA PHE A 236 -16.60 7.05 18.91
C PHE A 236 -15.54 6.42 19.81
N GLY A 237 -14.37 7.04 19.91
CA GLY A 237 -13.33 6.51 20.77
C GLY A 237 -12.75 5.18 20.31
N GLY A 238 -12.54 5.02 19.02
CA GLY A 238 -11.97 3.79 18.51
C GLY A 238 -10.46 3.77 18.59
N GLN A 239 -9.92 4.32 19.69
CA GLN A 239 -8.48 4.36 19.87
C GLN A 239 -7.93 2.97 20.20
N GLU A 240 -8.37 2.41 21.32
CA GLU A 240 -7.79 1.19 21.84
C GLU A 240 -8.04 0.01 20.91
N VAL A 241 -9.26 -0.11 20.36
CA VAL A 241 -9.58 -1.28 19.56
C VAL A 241 -8.76 -1.30 18.28
N GLU A 242 -8.63 -0.15 17.61
CA GLU A 242 -7.82 -0.09 16.40
C GLU A 242 -6.35 -0.36 16.72
N THR A 243 -5.86 0.20 17.83
CA THR A 243 -4.47 -0.04 18.20
C THR A 243 -4.22 -1.52 18.46
N LYS A 244 -5.14 -2.19 19.17
CA LYS A 244 -4.95 -3.60 19.47
C LYS A 244 -5.03 -4.45 18.21
N ARG A 245 -5.96 -4.15 17.31
CA ARG A 245 -6.05 -4.92 16.07
C ARG A 245 -4.77 -4.77 15.26
N PHE A 246 -4.26 -3.55 15.13
CA PHE A 246 -3.01 -3.38 14.39
C PHE A 246 -1.85 -4.05 15.10
N ASP A 247 -1.85 -4.05 16.43
CA ASP A 247 -0.80 -4.74 17.16
C ASP A 247 -0.79 -6.22 16.81
N LYS A 248 -1.97 -6.85 16.82
CA LYS A 248 -2.03 -8.28 16.50
C LYS A 248 -1.58 -8.55 15.08
N VAL A 249 -2.00 -7.72 14.13
CA VAL A 249 -1.66 -8.01 12.73
C VAL A 249 -0.17 -7.79 12.49
N SER A 250 0.40 -6.73 13.05
CA SER A 250 1.84 -6.51 12.89
C SER A 250 2.64 -7.61 13.60
N ASN A 251 2.13 -8.13 14.71
CA ASN A 251 2.82 -9.24 15.38
C ASN A 251 2.81 -10.47 14.50
N ARG A 252 1.69 -10.76 13.83
CA ARG A 252 1.68 -11.89 12.90
C ARG A 252 2.68 -11.67 11.77
N MET A 253 2.75 -10.44 11.27
CA MET A 253 3.73 -10.12 10.24
C MET A 253 5.15 -10.44 10.71
N ARG A 254 5.50 -9.99 11.91
CA ARG A 254 6.83 -10.23 12.43
C ARG A 254 7.09 -11.71 12.64
N LEU A 255 6.09 -12.46 13.12
CA LEU A 255 6.29 -13.87 13.34
C LEU A 255 6.53 -14.63 12.04
N GLN A 256 5.79 -14.30 10.99
CA GLN A 256 6.03 -14.99 9.72
C GLN A 256 7.39 -14.63 9.15
N GLY A 257 7.80 -13.36 9.28
CA GLY A 257 9.16 -13.00 8.93
C GLY A 257 10.17 -13.81 9.73
N MET A 258 9.87 -14.06 11.00
CA MET A 258 10.74 -14.87 11.84
C MET A 258 10.86 -16.30 11.33
N LYS A 259 9.75 -16.88 10.89
CA LYS A 259 9.83 -18.24 10.36
C LYS A 259 10.71 -18.28 9.12
N MET A 260 10.56 -17.27 8.25
CA MET A 260 11.44 -17.23 7.08
C MET A 260 12.90 -17.11 7.47
N VAL A 261 13.20 -16.25 8.45
CA VAL A 261 14.59 -16.05 8.86
C VAL A 261 15.15 -17.31 9.50
N SER A 262 14.33 -18.02 10.28
CA SER A 262 14.78 -19.28 10.86
C SER A 262 15.13 -20.28 9.78
N ALA A 263 14.28 -20.39 8.75
CA ALA A 263 14.59 -21.29 7.64
C ALA A 263 15.91 -20.91 6.99
N SER A 264 16.11 -19.62 6.72
CA SER A 264 17.34 -19.19 6.04
C SER A 264 18.57 -19.45 6.89
N SER A 265 18.50 -19.13 8.18
CA SER A 265 19.66 -19.23 9.04
C SER A 265 19.92 -20.65 9.54
N ILE A 266 18.99 -21.58 9.31
CA ILE A 266 19.30 -22.99 9.53
C ILE A 266 19.64 -23.71 8.24
N SER A 267 19.37 -23.11 7.08
CA SER A 267 19.80 -23.69 5.82
C SER A 267 21.19 -23.25 5.40
N ASP A 268 21.62 -22.04 5.79
CA ASP A 268 22.98 -21.61 5.46
C ASP A 268 24.05 -22.51 6.09
N PRO A 269 24.12 -22.65 7.43
CA PRO A 269 25.21 -23.44 8.00
C PRO A 269 25.19 -24.90 7.59
N ILE A 270 24.02 -25.50 7.39
CA ILE A 270 23.96 -26.91 7.02
C ILE A 270 24.61 -27.11 5.66
N ILE A 271 24.26 -26.27 4.69
CA ILE A 271 24.86 -26.38 3.37
C ILE A 271 26.35 -26.08 3.42
N GLN A 272 26.74 -25.07 4.20
CA GLN A 272 28.16 -24.75 4.32
C GLN A 272 28.94 -25.95 4.88
N LEU A 273 28.39 -26.61 5.89
CA LEU A 273 29.06 -27.78 6.45
C LEU A 273 29.11 -28.94 5.45
N ILE A 274 28.01 -29.16 4.72
CA ILE A 274 28.03 -30.22 3.71
C ILE A 274 29.07 -29.93 2.64
N ALA A 275 29.15 -28.67 2.19
CA ALA A 275 30.15 -28.32 1.20
C ALA A 275 31.56 -28.42 1.74
N SER A 276 31.73 -28.48 3.06
CA SER A 276 33.06 -28.57 3.63
C SER A 276 33.59 -30.00 3.66
N LEU A 277 32.75 -30.99 3.38
CA LEU A 277 33.26 -32.35 3.25
C LEU A 277 34.16 -32.48 2.03
N ALA A 278 33.94 -31.67 1.00
CA ALA A 278 34.81 -31.71 -0.17
C ALA A 278 36.23 -31.30 0.20
N LEU A 279 36.38 -30.20 0.93
CA LEU A 279 37.70 -29.78 1.37
C LEU A 279 38.33 -30.81 2.28
N ALA A 280 37.53 -31.38 3.20
CA ALA A 280 38.05 -32.40 4.09
C ALA A 280 38.51 -33.63 3.31
N PHE A 281 37.76 -34.02 2.28
CA PHE A 281 38.16 -35.18 1.50
C PHE A 281 39.43 -34.89 0.70
N VAL A 282 39.51 -33.72 0.07
CA VAL A 282 40.68 -33.43 -0.76
C VAL A 282 41.93 -33.35 0.11
N LEU A 283 41.80 -32.80 1.32
CA LEU A 283 42.93 -32.86 2.24
C LEU A 283 43.25 -34.30 2.62
N TYR A 284 42.21 -35.11 2.87
CA TYR A 284 42.44 -36.52 3.18
C TYR A 284 42.98 -37.26 1.97
N ALA A 285 42.49 -36.95 0.77
CA ALA A 285 42.99 -37.61 -0.43
C ALA A 285 44.43 -37.19 -0.72
N ALA A 286 44.70 -35.89 -0.67
CA ALA A 286 46.05 -35.41 -0.91
C ALA A 286 47.01 -35.79 0.22
N SER A 287 46.49 -36.14 1.39
CA SER A 287 47.36 -36.60 2.46
C SER A 287 48.05 -37.91 2.10
N PHE A 288 47.53 -38.65 1.15
CA PHE A 288 48.18 -39.86 0.70
C PHE A 288 49.39 -39.49 -0.15
N PRO A 289 50.61 -39.87 0.23
CA PRO A 289 51.76 -39.57 -0.63
C PRO A 289 51.71 -40.25 -1.97
N SER A 290 50.92 -41.33 -2.10
CA SER A 290 50.76 -42.04 -3.36
C SER A 290 49.95 -41.25 -4.38
N VAL A 291 49.34 -40.14 -3.99
CA VAL A 291 48.54 -39.33 -4.89
C VAL A 291 49.21 -37.99 -5.18
N MET A 292 49.82 -37.37 -4.17
CA MET A 292 50.43 -36.05 -4.33
C MET A 292 51.63 -36.06 -5.26
N ASP A 293 52.19 -37.23 -5.57
CA ASP A 293 53.37 -37.29 -6.42
C ASP A 293 53.09 -36.74 -7.82
N SER A 294 51.91 -37.05 -8.36
CA SER A 294 51.59 -36.67 -9.73
C SER A 294 51.39 -35.18 -9.92
N LEU A 295 51.33 -34.40 -8.84
CA LEU A 295 51.09 -32.97 -8.92
C LEU A 295 52.28 -32.20 -8.36
N THR A 296 52.20 -30.88 -8.49
CA THR A 296 53.19 -29.94 -7.99
C THR A 296 52.60 -29.16 -6.82
N ALA A 297 53.43 -28.30 -6.23
CA ALA A 297 52.95 -27.43 -5.16
C ALA A 297 51.90 -26.46 -5.66
N GLY A 298 52.11 -25.91 -6.85
CA GLY A 298 51.18 -24.91 -7.37
C GLY A 298 49.78 -25.46 -7.61
N THR A 299 49.70 -26.64 -8.21
CA THR A 299 48.40 -27.24 -8.46
C THR A 299 47.68 -27.54 -7.16
N ILE A 300 48.40 -28.10 -6.18
CA ILE A 300 47.78 -28.45 -4.90
C ILE A 300 47.27 -27.20 -4.20
N THR A 301 48.10 -26.15 -4.15
CA THR A 301 47.68 -24.96 -3.44
C THR A 301 46.56 -24.23 -4.17
N VAL A 302 46.53 -24.29 -5.51
CA VAL A 302 45.43 -23.63 -6.20
C VAL A 302 44.14 -24.43 -6.04
N VAL A 303 44.22 -25.76 -5.97
CA VAL A 303 43.02 -26.54 -5.68
C VAL A 303 42.50 -26.21 -4.28
N PHE A 304 43.40 -26.15 -3.30
CA PHE A 304 42.96 -25.81 -1.94
C PHE A 304 42.36 -24.42 -1.89
N SER A 305 43.01 -23.44 -2.54
CA SER A 305 42.48 -22.08 -2.54
C SER A 305 41.13 -22.01 -3.24
N SER A 306 40.97 -22.73 -4.34
CA SER A 306 39.70 -22.72 -5.06
C SER A 306 38.60 -23.34 -4.21
N MET A 307 38.87 -24.46 -3.54
CA MET A 307 37.85 -25.04 -2.68
C MET A 307 37.52 -24.14 -1.51
N ILE A 308 38.53 -23.48 -0.93
CA ILE A 308 38.27 -22.58 0.19
C ILE A 308 37.44 -21.38 -0.26
N ALA A 309 37.77 -20.81 -1.42
CA ALA A 309 37.08 -19.63 -1.91
C ALA A 309 35.82 -19.95 -2.68
N LEU A 310 35.50 -21.24 -2.86
CA LEU A 310 34.21 -21.62 -3.41
C LEU A 310 33.09 -21.52 -2.39
N MET A 311 33.43 -21.61 -1.10
CA MET A 311 32.40 -21.55 -0.07
C MET A 311 31.76 -20.17 0.01
N ARG A 312 32.54 -19.11 -0.26
CA ARG A 312 31.97 -17.77 -0.20
C ARG A 312 30.85 -17.56 -1.22
N PRO A 313 31.02 -17.88 -2.50
CA PRO A 313 29.87 -17.78 -3.42
C PRO A 313 28.70 -18.66 -3.00
N LEU A 314 28.97 -19.85 -2.47
CA LEU A 314 27.89 -20.73 -2.05
C LEU A 314 27.12 -20.12 -0.89
N LYS A 315 27.85 -19.60 0.10
CA LYS A 315 27.19 -18.96 1.23
C LYS A 315 26.39 -17.75 0.78
N SER A 316 26.96 -16.92 -0.09
CA SER A 316 26.25 -15.74 -0.56
C SER A 316 24.99 -16.12 -1.32
N LEU A 317 25.08 -17.13 -2.19
CA LEU A 317 23.92 -17.57 -2.96
C LEU A 317 22.82 -18.10 -2.06
N THR A 318 23.19 -18.96 -1.10
CA THR A 318 22.17 -19.54 -0.23
C THR A 318 21.59 -18.50 0.73
N ASN A 319 22.37 -17.47 1.07
CA ASN A 319 21.84 -16.40 1.90
C ASN A 319 20.87 -15.51 1.13
N VAL A 320 21.24 -15.13 -0.11
CA VAL A 320 20.37 -14.26 -0.90
C VAL A 320 19.18 -15.03 -1.48
N ASN A 321 19.20 -16.36 -1.38
CA ASN A 321 18.09 -17.15 -1.91
C ASN A 321 16.77 -16.83 -1.23
N ALA A 322 16.78 -16.20 -0.06
CA ALA A 322 15.53 -15.85 0.60
C ALA A 322 14.79 -14.78 -0.18
N GLN A 323 15.46 -13.69 -0.53
CA GLN A 323 14.80 -12.60 -1.24
C GLN A 323 14.39 -13.02 -2.64
N PHE A 324 15.23 -13.77 -3.32
CA PHE A 324 14.89 -14.23 -4.67
C PHE A 324 13.67 -15.14 -4.63
N GLN A 325 13.60 -16.04 -3.65
CA GLN A 325 12.45 -16.91 -3.54
C GLN A 325 11.20 -16.12 -3.18
N ARG A 326 11.34 -15.09 -2.34
CA ARG A 326 10.20 -14.24 -2.03
C ARG A 326 9.67 -13.56 -3.29
N GLY A 327 10.58 -13.06 -4.13
CA GLY A 327 10.15 -12.46 -5.38
C GLY A 327 9.49 -13.44 -6.31
N MET A 328 10.00 -14.68 -6.36
CA MET A 328 9.37 -15.68 -7.20
C MET A 328 7.97 -16.04 -6.69
N ALA A 329 7.80 -16.10 -5.37
CA ALA A 329 6.46 -16.33 -4.83
C ALA A 329 5.53 -15.19 -5.22
N ALA A 330 6.00 -13.95 -5.14
CA ALA A 330 5.17 -12.82 -5.53
C ALA A 330 4.80 -12.88 -7.00
N CYS A 331 5.76 -13.25 -7.86
CA CYS A 331 5.45 -13.36 -9.28
C CYS A 331 4.44 -14.47 -9.54
N GLN A 332 4.54 -15.59 -8.83
CA GLN A 332 3.56 -16.65 -8.99
C GLN A 332 2.17 -16.19 -8.57
N THR A 333 2.08 -15.46 -7.45
CA THR A 333 0.78 -14.95 -7.02
C THR A 333 0.20 -13.99 -8.05
N LEU A 334 1.03 -13.09 -8.57
CA LEU A 334 0.53 -12.15 -9.57
C LEU A 334 0.13 -12.84 -10.86
N PHE A 335 0.83 -13.89 -11.26
CA PHE A 335 0.41 -14.61 -12.45
C PHE A 335 -0.88 -15.36 -12.22
N THR A 336 -1.10 -15.87 -11.01
CA THR A 336 -2.40 -16.47 -10.72
C THR A 336 -3.51 -15.43 -10.79
N ILE A 337 -3.25 -14.23 -10.26
CA ILE A 337 -4.27 -13.17 -10.28
C ILE A 337 -4.56 -12.75 -11.72
N LEU A 338 -3.52 -12.56 -12.53
CA LEU A 338 -3.69 -12.09 -13.90
C LEU A 338 -4.44 -13.10 -14.77
N ASP A 339 -4.57 -14.34 -14.31
CA ASP A 339 -5.28 -15.36 -15.05
C ASP A 339 -6.75 -15.46 -14.66
N SER A 340 -7.23 -14.56 -13.81
CA SER A 340 -8.63 -14.61 -13.39
C SER A 340 -9.54 -14.23 -14.55
N GLU A 341 -10.84 -14.24 -14.28
CA GLU A 341 -11.86 -13.89 -15.27
C GLU A 341 -12.37 -12.48 -14.99
N GLN A 342 -12.34 -11.64 -16.01
CA GLN A 342 -12.76 -10.26 -15.88
C GLN A 342 -14.26 -10.15 -16.13
N GLU A 343 -14.75 -8.91 -16.28
CA GLU A 343 -16.16 -8.69 -16.56
C GLU A 343 -16.53 -9.33 -17.89
N LYS A 344 -17.74 -9.87 -17.97
CA LYS A 344 -18.17 -10.57 -19.17
C LYS A 344 -18.44 -9.58 -20.29
N ASP A 345 -17.43 -9.34 -21.13
CA ASP A 345 -17.58 -8.46 -22.28
C ASP A 345 -18.01 -9.25 -23.51
N GLU A 346 -19.07 -10.04 -23.34
CA GLU A 346 -19.56 -10.89 -24.42
C GLU A 346 -20.24 -10.09 -25.52
N GLY A 347 -20.48 -8.81 -25.31
CA GLY A 347 -21.16 -8.02 -26.31
C GLY A 347 -20.37 -7.97 -27.62
N LYS A 348 -21.10 -7.80 -28.70
CA LYS A 348 -20.53 -7.78 -30.05
C LYS A 348 -20.80 -6.47 -30.76
N ARG A 349 -22.04 -6.01 -30.75
CA ARG A 349 -22.45 -4.79 -31.43
C ARG A 349 -22.02 -3.57 -30.65
N VAL A 350 -21.73 -2.49 -31.39
CA VAL A 350 -21.43 -1.19 -30.79
C VAL A 350 -22.42 -0.18 -31.34
N ILE A 351 -22.62 0.90 -30.58
CA ILE A 351 -23.56 1.95 -30.97
C ILE A 351 -23.01 3.29 -30.51
N GLU A 352 -23.30 4.33 -31.31
CA GLU A 352 -22.79 5.66 -31.02
C GLU A 352 -23.73 6.44 -30.10
N ARG A 353 -24.98 6.63 -30.54
CA ARG A 353 -25.99 7.30 -29.73
C ARG A 353 -27.27 6.48 -29.75
N ALA A 354 -27.79 6.15 -28.58
CA ALA A 354 -29.06 5.46 -28.48
C ALA A 354 -30.20 6.46 -28.70
N THR A 355 -31.30 5.95 -29.25
CA THR A 355 -32.47 6.81 -29.44
C THR A 355 -33.00 7.31 -28.10
N GLY A 356 -33.00 6.44 -27.08
CA GLY A 356 -33.36 6.86 -25.75
C GLY A 356 -34.44 6.05 -25.07
N ASP A 357 -34.69 4.83 -25.56
CA ASP A 357 -35.74 3.98 -25.02
C ASP A 357 -35.17 2.70 -24.43
N VAL A 358 -35.61 2.38 -23.21
CA VAL A 358 -35.13 1.22 -22.45
C VAL A 358 -36.34 0.47 -21.94
N GLU A 359 -36.33 -0.85 -22.10
CA GLU A 359 -37.47 -1.68 -21.75
C GLU A 359 -37.02 -2.82 -20.85
N PHE A 360 -37.89 -3.22 -19.93
CA PHE A 360 -37.72 -4.40 -19.10
C PHE A 360 -38.72 -5.46 -19.53
N ARG A 361 -38.44 -6.72 -19.18
CA ARG A 361 -39.35 -7.81 -19.50
C ARG A 361 -39.10 -8.95 -18.51
N ASN A 362 -40.05 -9.17 -17.60
CA ASN A 362 -40.03 -10.29 -16.67
C ASN A 362 -38.71 -10.42 -15.92
N VAL A 363 -37.98 -9.31 -15.78
CA VAL A 363 -36.63 -9.37 -15.22
C VAL A 363 -36.71 -9.67 -13.73
N THR A 364 -35.91 -10.62 -13.27
CA THR A 364 -35.69 -10.85 -11.86
C THR A 364 -34.19 -11.02 -11.62
N PHE A 365 -33.74 -10.59 -10.46
CA PHE A 365 -32.31 -10.48 -10.24
C PHE A 365 -32.02 -10.62 -8.75
N THR A 366 -31.35 -11.70 -8.38
CA THR A 366 -30.91 -11.91 -7.00
C THR A 366 -29.43 -11.60 -6.88
N TYR A 367 -29.07 -10.88 -5.82
CA TYR A 367 -27.71 -10.39 -5.70
C TYR A 367 -26.75 -11.55 -5.45
N PRO A 368 -25.49 -11.38 -5.83
CA PRO A 368 -24.50 -12.46 -5.60
C PRO A 368 -24.37 -12.76 -4.11
N GLY A 369 -24.70 -13.98 -3.73
CA GLY A 369 -24.62 -14.40 -2.35
C GLY A 369 -25.84 -14.01 -1.55
N ARG A 370 -27.02 -14.38 -2.04
CA ARG A 370 -28.26 -14.10 -1.33
C ARG A 370 -29.29 -15.13 -1.77
N ASP A 371 -30.35 -15.27 -0.96
CA ASP A 371 -31.40 -16.24 -1.23
C ASP A 371 -32.62 -15.58 -1.86
N VAL A 372 -33.17 -14.57 -1.21
CA VAL A 372 -34.36 -13.90 -1.72
C VAL A 372 -33.96 -12.98 -2.88
N PRO A 373 -34.69 -12.97 -3.98
CA PRO A 373 -34.38 -12.03 -5.06
C PRO A 373 -34.70 -10.61 -4.66
N ALA A 374 -33.88 -9.68 -5.16
CA ALA A 374 -34.12 -8.26 -4.95
C ALA A 374 -35.12 -7.68 -5.94
N LEU A 375 -35.46 -8.41 -6.99
CA LEU A 375 -36.53 -8.05 -7.91
C LEU A 375 -37.22 -9.34 -8.34
N ARG A 376 -38.54 -9.36 -8.31
CA ARG A 376 -39.26 -10.59 -8.58
C ARG A 376 -39.71 -10.71 -10.03
N ASN A 377 -40.37 -9.68 -10.57
CA ASN A 377 -40.52 -9.55 -12.01
C ASN A 377 -40.94 -8.12 -12.32
N ILE A 378 -40.13 -7.43 -13.11
CA ILE A 378 -40.37 -6.04 -13.46
C ILE A 378 -40.73 -5.95 -14.93
N ASN A 379 -41.73 -5.16 -15.25
CA ASN A 379 -42.13 -4.93 -16.64
C ASN A 379 -42.08 -3.44 -16.95
N LEU A 380 -41.10 -2.75 -16.38
CA LEU A 380 -40.94 -1.32 -16.60
C LEU A 380 -40.63 -1.03 -18.06
N LYS A 381 -41.21 0.04 -18.59
CA LYS A 381 -40.95 0.49 -19.95
C LYS A 381 -40.69 1.99 -19.92
N ILE A 382 -39.50 2.38 -20.35
CA ILE A 382 -39.08 3.79 -20.34
C ILE A 382 -39.22 4.31 -21.77
N PRO A 383 -40.14 5.24 -22.04
CA PRO A 383 -40.29 5.75 -23.40
C PRO A 383 -39.09 6.60 -23.79
N ALA A 384 -38.88 6.73 -25.09
CA ALA A 384 -37.80 7.55 -25.61
C ALA A 384 -38.13 9.03 -25.43
N GLY A 385 -37.18 9.79 -24.92
CA GLY A 385 -37.36 11.22 -24.75
C GLY A 385 -38.42 11.62 -23.76
N LYS A 386 -38.53 10.88 -22.66
CA LYS A 386 -39.48 11.20 -21.59
C LYS A 386 -38.79 10.93 -20.26
N THR A 387 -39.56 10.94 -19.18
CA THR A 387 -39.02 10.70 -17.85
C THR A 387 -39.88 9.70 -17.11
N VAL A 388 -39.23 8.87 -16.29
CA VAL A 388 -39.90 7.88 -15.47
C VAL A 388 -39.28 7.94 -14.08
N ALA A 389 -40.12 8.06 -13.05
CA ALA A 389 -39.65 8.25 -11.69
C ALA A 389 -40.01 7.04 -10.84
N LEU A 390 -39.09 6.66 -9.96
CA LEU A 390 -39.25 5.47 -9.13
C LEU A 390 -39.34 5.90 -7.67
N VAL A 391 -40.53 6.24 -7.22
CA VAL A 391 -40.77 6.49 -5.82
C VAL A 391 -41.10 5.16 -5.15
N GLY A 392 -40.91 5.10 -3.84
CA GLY A 392 -41.19 3.89 -3.10
C GLY A 392 -40.48 3.89 -1.77
N ARG A 393 -40.62 2.77 -1.07
CA ARG A 393 -40.00 2.61 0.23
C ARG A 393 -38.49 2.70 0.13
N SER A 394 -37.84 2.80 1.29
CA SER A 394 -36.40 3.03 1.37
C SER A 394 -35.59 1.75 1.39
N GLY A 395 -36.18 0.63 1.00
CA GLY A 395 -35.44 -0.62 1.01
C GLY A 395 -35.79 -1.52 -0.15
N SER A 396 -36.57 -1.00 -1.09
CA SER A 396 -36.99 -1.78 -2.24
C SER A 396 -35.95 -1.66 -3.35
N GLY A 397 -36.26 -2.16 -4.53
CA GLY A 397 -35.32 -2.04 -5.62
C GLY A 397 -35.52 -0.76 -6.40
N LYS A 398 -34.74 0.26 -6.07
CA LYS A 398 -34.73 1.51 -6.81
C LYS A 398 -33.39 1.83 -7.41
N SER A 399 -32.31 1.70 -6.63
CA SER A 399 -30.97 1.79 -7.20
C SER A 399 -30.58 0.51 -7.92
N THR A 400 -31.22 -0.60 -7.59
CA THR A 400 -30.94 -1.86 -8.29
C THR A 400 -31.34 -1.77 -9.75
N ILE A 401 -32.48 -1.15 -10.04
CA ILE A 401 -32.88 -0.97 -11.43
C ILE A 401 -31.87 -0.11 -12.18
N ALA A 402 -31.41 0.98 -11.54
CA ALA A 402 -30.43 1.85 -12.18
C ALA A 402 -29.12 1.11 -12.43
N SER A 403 -28.72 0.25 -11.50
CA SER A 403 -27.51 -0.55 -11.73
C SER A 403 -27.72 -1.53 -12.86
N LEU A 404 -28.92 -2.14 -12.95
CA LEU A 404 -29.17 -3.10 -14.02
C LEU A 404 -29.13 -2.46 -15.39
N ILE A 405 -29.71 -1.27 -15.55
CA ILE A 405 -29.75 -0.66 -16.88
C ILE A 405 -28.37 -0.15 -17.25
N THR A 406 -27.42 -0.26 -16.34
CA THR A 406 -26.03 0.08 -16.61
C THR A 406 -25.15 -1.16 -16.73
N ARG A 407 -25.74 -2.34 -16.58
CA ARG A 407 -25.00 -3.61 -16.66
C ARG A 407 -23.95 -3.74 -15.57
N PHE A 408 -24.18 -3.11 -14.43
CA PHE A 408 -23.32 -3.37 -13.27
C PHE A 408 -23.43 -4.82 -12.85
N TYR A 409 -24.66 -5.34 -12.78
CA TYR A 409 -24.91 -6.74 -12.46
C TYR A 409 -25.72 -7.35 -13.60
N ASP A 410 -25.43 -8.62 -13.91
CA ASP A 410 -26.18 -9.32 -14.94
C ASP A 410 -27.46 -9.90 -14.37
N ILE A 411 -28.48 -9.97 -15.23
CA ILE A 411 -29.78 -10.50 -14.85
C ILE A 411 -29.67 -11.98 -14.52
N ASP A 412 -30.60 -12.46 -13.69
CA ASP A 412 -30.76 -13.89 -13.50
C ASP A 412 -31.55 -14.51 -14.65
N GLU A 413 -32.78 -14.06 -14.84
CA GLU A 413 -33.59 -14.50 -15.97
C GLU A 413 -34.49 -13.34 -16.38
N GLY A 414 -34.95 -13.40 -17.62
CA GLY A 414 -35.72 -12.31 -18.18
C GLY A 414 -34.89 -11.39 -19.05
N GLU A 415 -35.59 -10.62 -19.89
CA GLU A 415 -34.96 -9.82 -20.91
C GLU A 415 -35.04 -8.33 -20.57
N ILE A 416 -33.92 -7.63 -20.74
CA ILE A 416 -33.87 -6.18 -20.64
C ILE A 416 -33.38 -5.65 -21.98
N LEU A 417 -34.10 -4.68 -22.53
CA LEU A 417 -33.83 -4.23 -23.89
C LEU A 417 -33.42 -2.77 -23.91
N MET A 418 -32.60 -2.43 -24.90
CA MET A 418 -32.28 -1.05 -25.24
C MET A 418 -32.36 -0.90 -26.74
N ASP A 419 -33.28 -0.05 -27.20
CA ASP A 419 -33.48 0.19 -28.62
C ASP A 419 -33.84 -1.10 -29.36
N GLY A 420 -34.58 -1.98 -28.70
CA GLY A 420 -35.10 -3.16 -29.33
C GLY A 420 -34.12 -4.32 -29.47
N HIS A 421 -32.89 -4.17 -28.99
CA HIS A 421 -31.90 -5.23 -29.01
C HIS A 421 -31.43 -5.49 -27.58
N ASP A 422 -31.40 -6.76 -27.20
CA ASP A 422 -31.12 -7.13 -25.82
C ASP A 422 -29.85 -6.46 -25.32
N LEU A 423 -29.84 -6.16 -24.03
CA LEU A 423 -28.75 -5.38 -23.46
C LEU A 423 -27.44 -6.15 -23.42
N ARG A 424 -27.46 -7.46 -23.67
CA ARG A 424 -26.25 -8.25 -23.66
C ARG A 424 -25.55 -8.29 -25.01
N GLU A 425 -26.17 -7.82 -26.08
CA GLU A 425 -25.50 -7.80 -27.36
C GLU A 425 -24.49 -6.65 -27.46
N TYR A 426 -24.72 -5.57 -26.73
CA TYR A 426 -23.85 -4.40 -26.81
C TYR A 426 -22.59 -4.62 -25.99
N THR A 427 -21.46 -4.19 -26.54
CA THR A 427 -20.23 -4.27 -25.78
C THR A 427 -20.28 -3.27 -24.62
N LEU A 428 -19.44 -3.52 -23.61
CA LEU A 428 -19.52 -2.73 -22.39
C LEU A 428 -19.22 -1.26 -22.64
N ALA A 429 -18.18 -0.98 -23.43
CA ALA A 429 -17.81 0.41 -23.65
C ALA A 429 -18.89 1.18 -24.40
N SER A 430 -19.45 0.57 -25.44
CA SER A 430 -20.47 1.25 -26.23
C SER A 430 -21.80 1.38 -25.50
N LEU A 431 -21.94 0.72 -24.36
CA LEU A 431 -23.19 0.80 -23.59
C LEU A 431 -23.11 1.90 -22.53
N ARG A 432 -22.14 1.81 -21.63
CA ARG A 432 -22.00 2.81 -20.59
C ARG A 432 -21.62 4.18 -21.15
N ASN A 433 -21.22 4.24 -22.41
CA ASN A 433 -21.07 5.51 -23.12
C ASN A 433 -22.41 6.08 -23.55
N GLN A 434 -23.53 5.50 -23.10
CA GLN A 434 -24.85 6.00 -23.40
C GLN A 434 -25.64 6.41 -22.16
N VAL A 435 -25.03 6.34 -20.98
CA VAL A 435 -25.74 6.57 -19.72
C VAL A 435 -24.89 7.46 -18.83
N ALA A 436 -25.51 8.47 -18.24
CA ALA A 436 -24.86 9.31 -17.23
C ALA A 436 -25.58 9.10 -15.91
N LEU A 437 -24.82 8.86 -14.84
CA LEU A 437 -25.38 8.46 -13.56
C LEU A 437 -24.94 9.43 -12.47
N VAL A 438 -25.85 9.75 -11.57
CA VAL A 438 -25.55 10.52 -10.37
C VAL A 438 -25.82 9.58 -9.19
N SER A 439 -24.79 8.87 -8.75
CA SER A 439 -24.97 7.88 -7.71
C SER A 439 -25.38 8.55 -6.40
N GLN A 440 -26.17 7.82 -5.60
CA GLN A 440 -26.56 8.35 -4.29
C GLN A 440 -25.35 8.53 -3.40
N ASN A 441 -24.33 7.68 -3.54
CA ASN A 441 -23.05 7.88 -2.88
C ASN A 441 -22.10 8.55 -3.86
N VAL A 442 -22.18 9.89 -3.92
CA VAL A 442 -21.35 10.64 -4.84
C VAL A 442 -19.89 10.52 -4.42
N HIS A 443 -19.03 10.22 -5.39
CA HIS A 443 -17.60 10.10 -5.16
C HIS A 443 -16.86 11.01 -6.12
N LEU A 444 -16.00 11.86 -5.59
CA LEU A 444 -15.27 12.84 -6.37
C LEU A 444 -13.78 12.60 -6.24
N PHE A 445 -13.07 12.84 -7.33
CA PHE A 445 -11.63 12.58 -7.39
C PHE A 445 -10.85 13.78 -6.87
N ASN A 446 -9.67 13.49 -6.33
CA ASN A 446 -8.81 14.53 -5.77
C ASN A 446 -8.17 15.32 -6.93
N ASP A 447 -8.96 16.23 -7.49
CA ASP A 447 -8.50 17.03 -8.61
C ASP A 447 -9.36 18.29 -8.65
N THR A 448 -8.98 19.20 -9.54
CA THR A 448 -9.66 20.47 -9.64
C THR A 448 -11.14 20.28 -9.99
N VAL A 449 -11.91 21.36 -9.86
CA VAL A 449 -13.34 21.28 -10.13
C VAL A 449 -13.60 20.97 -11.59
N ALA A 450 -12.83 21.58 -12.49
CA ALA A 450 -13.01 21.31 -13.92
C ALA A 450 -12.79 19.85 -14.25
N ASN A 451 -11.72 19.26 -13.71
CA ASN A 451 -11.45 17.86 -13.99
C ASN A 451 -12.43 16.93 -13.29
N ASN A 452 -13.10 17.38 -12.23
CA ASN A 452 -14.16 16.56 -11.65
C ASN A 452 -15.43 16.63 -12.48
N ILE A 453 -15.71 17.79 -13.06
CA ILE A 453 -16.89 17.92 -13.91
C ILE A 453 -16.71 17.16 -15.22
N ALA A 454 -15.53 17.27 -15.83
CA ALA A 454 -15.24 16.69 -17.14
C ALA A 454 -14.36 15.45 -17.04
N TYR A 455 -14.65 14.57 -16.07
CA TYR A 455 -13.69 13.58 -15.58
C TYR A 455 -12.86 12.91 -16.67
N ALA A 456 -13.50 12.16 -17.55
CA ALA A 456 -12.71 11.39 -18.50
C ALA A 456 -12.46 12.14 -19.81
N ARG A 457 -13.45 12.86 -20.30
CA ARG A 457 -13.33 13.57 -21.57
C ARG A 457 -12.85 15.00 -21.38
N THR A 458 -11.72 15.17 -20.69
CA THR A 458 -11.21 16.51 -20.41
C THR A 458 -10.84 17.24 -21.68
N GLU A 459 -10.17 16.55 -22.61
CA GLU A 459 -9.68 17.22 -23.81
C GLU A 459 -10.77 17.52 -24.80
N GLN A 460 -11.96 16.92 -24.66
CA GLN A 460 -13.03 17.12 -25.62
C GLN A 460 -13.97 18.25 -25.25
N TYR A 461 -13.93 18.74 -24.02
CA TYR A 461 -14.84 19.78 -23.54
C TYR A 461 -14.03 21.02 -23.18
N SER A 462 -14.24 22.10 -23.92
CA SER A 462 -13.62 23.36 -23.59
C SER A 462 -14.20 23.92 -22.30
N ARG A 463 -13.47 24.84 -21.68
CA ARG A 463 -13.93 25.42 -20.42
C ARG A 463 -15.28 26.09 -20.58
N GLU A 464 -15.65 26.52 -21.79
CA GLU A 464 -16.98 27.07 -22.01
C GLU A 464 -18.05 26.03 -21.72
N GLN A 465 -17.86 24.80 -22.22
CA GLN A 465 -18.85 23.76 -21.97
C GLN A 465 -18.90 23.38 -20.50
N ILE A 466 -17.75 23.30 -19.84
CA ILE A 466 -17.74 22.98 -18.42
C ILE A 466 -18.47 24.05 -17.64
N GLU A 467 -18.23 25.32 -17.97
CA GLU A 467 -18.91 26.41 -17.28
C GLU A 467 -20.41 26.37 -17.53
N GLU A 468 -20.83 26.05 -18.75
CA GLU A 468 -22.26 25.95 -19.03
C GLU A 468 -22.88 24.81 -18.23
N ALA A 469 -22.21 23.66 -18.17
CA ALA A 469 -22.73 22.55 -17.39
C ALA A 469 -22.84 22.90 -15.91
N ALA A 470 -21.83 23.56 -15.37
CA ALA A 470 -21.87 23.95 -13.96
C ALA A 470 -22.99 24.96 -13.71
N ARG A 471 -23.14 25.94 -14.60
CA ARG A 471 -24.22 26.91 -14.44
C ARG A 471 -25.58 26.24 -14.53
N MET A 472 -25.69 25.17 -15.30
CA MET A 472 -26.93 24.40 -15.33
C MET A 472 -27.26 23.85 -13.95
N ALA A 473 -26.26 23.33 -13.25
CA ALA A 473 -26.45 22.65 -11.98
C ALA A 473 -26.37 23.58 -10.78
N TYR A 474 -26.60 24.88 -10.98
CA TYR A 474 -26.64 25.85 -9.90
C TYR A 474 -25.35 25.82 -9.07
N ALA A 475 -24.23 25.50 -9.71
CA ALA A 475 -22.96 25.40 -9.03
C ALA A 475 -22.05 26.60 -9.28
N MET A 476 -22.21 27.29 -10.41
CA MET A 476 -21.37 28.44 -10.69
C MET A 476 -21.59 29.56 -9.69
N ASP A 477 -22.73 29.57 -9.00
CA ASP A 477 -22.97 30.60 -7.99
C ASP A 477 -21.95 30.51 -6.86
N PHE A 478 -21.62 29.29 -6.43
CA PHE A 478 -20.70 29.11 -5.31
C PHE A 478 -19.27 28.80 -5.73
N ILE A 479 -19.05 28.42 -7.00
CA ILE A 479 -17.68 28.21 -7.45
C ILE A 479 -16.92 29.53 -7.48
N ASN A 480 -17.58 30.61 -7.89
CA ASN A 480 -16.92 31.91 -7.94
C ASN A 480 -16.39 32.31 -6.57
N LYS A 481 -17.10 31.94 -5.50
CA LYS A 481 -16.66 32.31 -4.16
C LYS A 481 -15.34 31.65 -3.78
N MET A 482 -14.99 30.54 -4.41
CA MET A 482 -13.77 29.85 -4.02
C MET A 482 -12.54 30.61 -4.51
N ASP A 483 -11.37 30.15 -4.08
CA ASP A 483 -10.15 30.92 -4.26
C ASP A 483 -9.81 31.11 -5.73
N ASN A 484 -9.76 30.03 -6.49
CA ASN A 484 -9.31 30.07 -7.88
C ASN A 484 -10.41 29.80 -8.88
N GLY A 485 -11.67 29.83 -8.45
CA GLY A 485 -12.75 29.47 -9.35
C GLY A 485 -12.67 28.00 -9.70
N LEU A 486 -12.74 27.71 -11.00
CA LEU A 486 -12.74 26.32 -11.46
C LEU A 486 -11.44 25.61 -11.14
N ASP A 487 -10.37 26.33 -10.83
CA ASP A 487 -9.05 25.74 -10.69
C ASP A 487 -8.76 25.24 -9.28
N THR A 488 -9.68 25.41 -8.34
CA THR A 488 -9.43 25.01 -6.96
C THR A 488 -9.35 23.50 -6.84
N VAL A 489 -8.38 23.03 -6.04
CA VAL A 489 -8.34 21.62 -5.70
C VAL A 489 -9.50 21.30 -4.77
N ILE A 490 -10.05 20.09 -4.91
CA ILE A 490 -11.28 19.73 -4.20
C ILE A 490 -11.03 18.87 -2.97
N GLY A 491 -9.84 18.31 -2.81
CA GLY A 491 -9.55 17.46 -1.68
C GLY A 491 -9.69 15.99 -2.03
N GLU A 492 -9.47 15.16 -1.00
CA GLU A 492 -9.38 13.71 -1.22
C GLU A 492 -10.68 13.14 -1.78
N ASN A 493 -11.81 13.54 -1.21
CA ASN A 493 -13.11 13.06 -1.67
C ASN A 493 -14.07 14.23 -1.87
N GLY A 494 -13.53 15.41 -2.17
CA GLY A 494 -14.36 16.58 -2.15
C GLY A 494 -14.75 17.00 -0.75
N VAL A 495 -14.02 16.53 0.26
CA VAL A 495 -14.32 16.87 1.64
C VAL A 495 -14.18 18.37 1.87
N LEU A 496 -13.43 19.06 1.01
CA LEU A 496 -13.32 20.50 1.14
C LEU A 496 -14.65 21.20 0.94
N LEU A 497 -15.63 20.53 0.34
CA LEU A 497 -16.94 21.11 0.09
C LEU A 497 -17.99 20.43 0.94
N SER A 498 -19.11 21.13 1.12
CA SER A 498 -20.24 20.57 1.82
C SER A 498 -20.91 19.48 0.98
N GLY A 499 -21.85 18.78 1.59
CA GLY A 499 -22.58 17.77 0.84
C GLY A 499 -23.46 18.34 -0.25
N GLY A 500 -24.02 19.51 -0.03
CA GLY A 500 -24.83 20.18 -1.04
C GLY A 500 -24.02 20.99 -2.02
N GLN A 501 -22.68 20.95 -1.91
CA GLN A 501 -21.81 21.53 -2.90
C GLN A 501 -21.01 20.46 -3.62
N ARG A 502 -21.03 19.23 -3.12
CA ARG A 502 -20.44 18.09 -3.81
C ARG A 502 -21.50 17.17 -4.38
N GLN A 503 -22.78 17.47 -4.15
CA GLN A 503 -23.85 16.83 -4.88
C GLN A 503 -24.37 17.71 -6.00
N ARG A 504 -23.79 18.90 -6.18
CA ARG A 504 -24.05 19.71 -7.36
C ARG A 504 -22.89 19.73 -8.32
N ILE A 505 -21.78 19.05 -8.01
CA ILE A 505 -20.72 18.85 -8.98
C ILE A 505 -20.92 17.50 -9.65
N ALA A 506 -21.47 16.53 -8.92
CA ALA A 506 -21.84 15.28 -9.57
C ALA A 506 -22.95 15.50 -10.59
N ILE A 507 -23.94 16.32 -10.25
CA ILE A 507 -25.00 16.64 -11.20
C ILE A 507 -24.43 17.37 -12.40
N ALA A 508 -23.52 18.31 -12.17
CA ALA A 508 -22.90 19.02 -13.29
C ALA A 508 -22.10 18.08 -14.17
N ARG A 509 -21.40 17.13 -13.56
CA ARG A 509 -20.63 16.16 -14.33
C ARG A 509 -21.54 15.31 -15.19
N ALA A 510 -22.67 14.87 -14.64
CA ALA A 510 -23.60 14.08 -15.44
C ALA A 510 -24.22 14.91 -16.56
N LEU A 511 -24.59 16.15 -16.27
CA LEU A 511 -25.28 16.98 -17.26
C LEU A 511 -24.36 17.46 -18.36
N LEU A 512 -23.05 17.42 -18.14
CA LEU A 512 -22.11 17.87 -19.16
C LEU A 512 -22.21 17.01 -20.42
N ARG A 513 -22.28 15.70 -20.24
CA ARG A 513 -22.45 14.80 -21.37
C ARG A 513 -23.87 14.91 -21.93
N ASP A 514 -24.02 14.54 -23.19
CA ASP A 514 -25.33 14.48 -23.82
C ASP A 514 -25.83 13.04 -23.97
N SER A 515 -25.56 12.21 -22.98
CA SER A 515 -26.04 10.83 -23.02
C SER A 515 -27.57 10.82 -22.98
N PRO A 516 -28.23 10.17 -23.93
CA PRO A 516 -29.70 10.23 -23.97
C PRO A 516 -30.39 9.56 -22.80
N ILE A 517 -29.71 8.67 -22.09
CA ILE A 517 -30.28 7.99 -20.92
C ILE A 517 -29.61 8.57 -19.69
N LEU A 518 -30.38 9.27 -18.87
CA LEU A 518 -29.86 9.92 -17.68
C LEU A 518 -30.54 9.34 -16.45
N ILE A 519 -29.76 9.04 -15.42
CA ILE A 519 -30.27 8.48 -14.18
C ILE A 519 -29.89 9.42 -13.05
N LEU A 520 -30.88 9.81 -12.24
CA LEU A 520 -30.66 10.68 -11.09
C LEU A 520 -30.93 9.87 -9.84
N ASP A 521 -29.92 9.14 -9.38
CA ASP A 521 -30.03 8.31 -8.19
C ASP A 521 -29.93 9.21 -6.98
N GLU A 522 -31.08 9.78 -6.59
CA GLU A 522 -31.18 10.76 -5.51
C GLU A 522 -30.29 11.96 -5.78
N ALA A 523 -30.65 12.68 -6.84
CA ALA A 523 -29.87 13.83 -7.28
C ALA A 523 -29.84 14.92 -6.22
N THR A 524 -30.98 15.18 -5.57
CA THR A 524 -31.06 16.31 -4.66
C THR A 524 -31.36 15.85 -3.24
N SER A 525 -30.66 14.81 -2.78
CA SER A 525 -30.86 14.33 -1.41
C SER A 525 -30.43 15.38 -0.39
N ALA A 526 -29.32 16.07 -0.65
CA ALA A 526 -28.75 17.00 0.31
C ALA A 526 -29.15 18.45 0.09
N LEU A 527 -29.53 18.81 -1.13
CA LEU A 527 -29.82 20.20 -1.45
C LEU A 527 -31.05 20.68 -0.70
N ASP A 528 -31.16 22.01 -0.59
CA ASP A 528 -32.32 22.64 0.02
C ASP A 528 -33.46 22.63 -0.99
N THR A 529 -34.51 23.39 -0.72
CA THR A 529 -35.68 23.35 -1.59
C THR A 529 -35.51 24.22 -2.83
N GLU A 530 -35.07 25.46 -2.66
CA GLU A 530 -34.97 26.33 -3.83
C GLU A 530 -33.79 25.98 -4.72
N SER A 531 -32.71 25.44 -4.14
CA SER A 531 -31.61 24.99 -4.99
C SER A 531 -32.06 23.82 -5.87
N GLU A 532 -32.80 22.86 -5.30
CA GLU A 532 -33.29 21.77 -6.14
C GLU A 532 -34.38 22.26 -7.09
N ARG A 533 -35.09 23.32 -6.72
CA ARG A 533 -36.04 23.91 -7.66
C ARG A 533 -35.32 24.48 -8.88
N ALA A 534 -34.20 25.16 -8.65
CA ALA A 534 -33.40 25.65 -9.77
C ALA A 534 -32.86 24.49 -10.60
N ILE A 535 -32.41 23.43 -9.95
CA ILE A 535 -31.97 22.24 -10.67
C ILE A 535 -33.09 21.73 -11.57
N GLN A 536 -34.30 21.59 -11.00
CA GLN A 536 -35.41 21.05 -11.77
C GLN A 536 -35.78 21.95 -12.93
N ALA A 537 -35.71 23.27 -12.74
CA ALA A 537 -35.94 24.18 -13.85
C ALA A 537 -34.91 23.96 -14.95
N ALA A 538 -33.65 23.77 -14.57
CA ALA A 538 -32.59 23.56 -15.56
C ALA A 538 -32.85 22.31 -16.38
N LEU A 539 -33.17 21.20 -15.71
CA LEU A 539 -33.48 19.98 -16.46
C LEU A 539 -34.74 20.12 -17.31
N ASP A 540 -35.77 20.79 -16.78
CA ASP A 540 -36.99 20.94 -17.57
C ASP A 540 -36.75 21.78 -18.82
N GLU A 541 -35.80 22.72 -18.76
CA GLU A 541 -35.47 23.51 -19.93
C GLU A 541 -34.34 22.92 -20.77
N LEU A 542 -33.72 21.83 -20.31
CA LEU A 542 -32.64 21.17 -21.05
C LEU A 542 -32.94 19.74 -21.43
N GLN A 543 -33.71 19.01 -20.62
CA GLN A 543 -33.93 17.58 -20.84
C GLN A 543 -35.26 17.31 -21.55
N LYS A 544 -35.63 18.18 -22.49
CA LYS A 544 -36.88 18.02 -23.22
C LYS A 544 -36.81 16.96 -24.32
N ASN A 545 -35.61 16.46 -24.65
CA ASN A 545 -35.46 15.45 -25.67
C ASN A 545 -34.73 14.20 -25.19
N ARG A 546 -34.05 14.26 -24.05
CA ARG A 546 -33.23 13.16 -23.57
C ARG A 546 -33.94 12.43 -22.44
N THR A 547 -33.98 11.10 -22.53
CA THR A 547 -34.68 10.30 -21.54
C THR A 547 -33.98 10.37 -20.20
N SER A 548 -34.77 10.48 -19.13
CA SER A 548 -34.24 10.53 -17.78
C SER A 548 -34.98 9.54 -16.89
N LEU A 549 -34.24 8.99 -15.94
CA LEU A 549 -34.78 8.08 -14.92
C LEU A 549 -34.42 8.67 -13.57
N VAL A 550 -35.27 9.55 -13.06
CA VAL A 550 -35.03 10.22 -11.78
C VAL A 550 -35.68 9.40 -10.68
N ILE A 551 -34.92 9.10 -9.64
CA ILE A 551 -35.45 8.39 -8.48
C ILE A 551 -35.19 9.24 -7.24
N ALA A 552 -36.24 9.55 -6.52
CA ALA A 552 -36.11 10.43 -5.36
C ALA A 552 -37.27 10.21 -4.42
N HIS A 553 -37.01 10.44 -3.13
CA HIS A 553 -38.06 10.38 -2.12
C HIS A 553 -38.69 11.73 -1.84
N ARG A 554 -38.20 12.79 -2.45
CA ARG A 554 -38.83 14.11 -2.32
C ARG A 554 -39.87 14.22 -3.42
N LEU A 555 -41.14 14.12 -3.03
CA LEU A 555 -42.22 14.10 -4.02
C LEU A 555 -42.58 15.51 -4.47
N SER A 556 -41.56 16.28 -4.84
CA SER A 556 -41.73 17.52 -5.58
C SER A 556 -40.77 17.65 -6.75
N THR A 557 -39.68 16.91 -6.75
CA THR A 557 -38.79 16.74 -7.89
C THR A 557 -39.37 15.79 -8.92
N ILE A 558 -40.57 15.26 -8.67
CA ILE A 558 -41.13 14.19 -9.48
C ILE A 558 -42.53 14.48 -9.99
N GLU A 559 -43.26 15.43 -9.41
CA GLU A 559 -44.63 15.71 -9.83
C GLU A 559 -44.76 16.09 -11.29
N LYS A 560 -43.65 16.30 -12.00
CA LYS A 560 -43.68 16.55 -13.43
C LYS A 560 -43.25 15.35 -14.26
N ALA A 561 -43.13 14.18 -13.64
CA ALA A 561 -42.71 13.00 -14.39
C ALA A 561 -43.82 12.53 -15.31
N ASP A 562 -43.42 11.90 -16.42
CA ASP A 562 -44.40 11.40 -17.38
C ASP A 562 -45.11 10.16 -16.88
N GLU A 563 -44.46 9.38 -16.01
CA GLU A 563 -45.08 8.18 -15.47
C GLU A 563 -44.37 7.80 -14.19
N ILE A 564 -45.07 7.86 -13.07
CA ILE A 564 -44.50 7.54 -11.77
C ILE A 564 -44.67 6.04 -11.53
N VAL A 565 -43.60 5.40 -11.06
CA VAL A 565 -43.60 3.96 -10.80
C VAL A 565 -43.29 3.75 -9.33
N VAL A 566 -44.16 3.03 -8.64
CA VAL A 566 -44.02 2.77 -7.22
C VAL A 566 -43.55 1.33 -7.03
N VAL A 567 -42.36 1.17 -6.48
CA VAL A 567 -41.80 -0.16 -6.23
C VAL A 567 -41.66 -0.34 -4.72
N GLU A 568 -42.27 -1.41 -4.21
CA GLU A 568 -42.15 -1.76 -2.80
C GLU A 568 -41.97 -3.26 -2.68
N ASP A 569 -41.04 -3.67 -1.82
CA ASP A 569 -40.62 -5.04 -1.59
C ASP A 569 -39.90 -5.64 -2.79
N GLY A 570 -39.77 -4.91 -3.89
CA GLY A 570 -39.10 -5.42 -5.07
C GLY A 570 -39.98 -5.67 -6.26
N VAL A 571 -41.27 -5.33 -6.20
CA VAL A 571 -42.20 -5.54 -7.30
C VAL A 571 -42.92 -4.25 -7.60
N ILE A 572 -43.08 -3.94 -8.89
CA ILE A 572 -43.84 -2.77 -9.30
C ILE A 572 -45.27 -2.91 -8.82
N VAL A 573 -45.82 -1.84 -8.23
CA VAL A 573 -47.14 -1.85 -7.66
C VAL A 573 -48.09 -0.88 -8.35
N GLU A 574 -47.62 0.33 -8.65
CA GLU A 574 -48.47 1.32 -9.28
C GLU A 574 -47.70 2.09 -10.34
N ARG A 575 -48.32 2.26 -11.50
CA ARG A 575 -47.74 3.01 -12.59
C ARG A 575 -48.77 4.01 -13.11
N GLY A 576 -48.34 5.24 -13.34
CA GLY A 576 -49.22 6.26 -13.84
C GLY A 576 -48.67 7.63 -13.55
N THR A 577 -49.39 8.63 -14.06
CA THR A 577 -49.00 10.02 -13.87
C THR A 577 -49.28 10.46 -12.44
N HIS A 578 -48.92 11.70 -12.12
CA HIS A 578 -49.19 12.24 -10.79
C HIS A 578 -50.68 12.31 -10.52
N ASN A 579 -51.45 12.88 -11.46
CA ASN A 579 -52.87 13.06 -11.23
C ASN A 579 -53.60 11.72 -11.16
N ASP A 580 -53.27 10.79 -12.04
CA ASP A 580 -53.96 9.50 -12.06
C ASP A 580 -53.63 8.68 -10.81
N LEU A 581 -52.43 8.82 -10.27
CA LEU A 581 -52.08 8.12 -9.04
C LEU A 581 -52.75 8.77 -7.83
N LEU A 582 -52.77 10.10 -7.79
CA LEU A 582 -53.29 10.79 -6.62
C LEU A 582 -54.78 10.53 -6.42
N GLU A 583 -55.54 10.51 -7.51
CA GLU A 583 -56.97 10.25 -7.43
C GLU A 583 -57.31 8.77 -7.36
N HIS A 584 -56.30 7.90 -7.44
CA HIS A 584 -56.53 6.46 -7.34
C HIS A 584 -56.56 5.97 -5.90
N ARG A 585 -56.18 6.82 -4.93
CA ARG A 585 -56.15 6.46 -3.51
C ARG A 585 -55.31 5.22 -3.26
N GLY A 586 -54.24 5.04 -4.02
CA GLY A 586 -53.33 3.93 -3.85
C GLY A 586 -52.22 4.27 -2.88
N VAL A 587 -51.15 3.46 -2.94
CA VAL A 587 -50.02 3.67 -2.04
C VAL A 587 -49.41 5.04 -2.25
N TYR A 588 -49.48 5.57 -3.48
CA TYR A 588 -48.96 6.91 -3.73
C TYR A 588 -49.78 7.95 -2.97
N ALA A 589 -51.09 7.73 -2.85
CA ALA A 589 -51.93 8.67 -2.11
C ALA A 589 -51.48 8.76 -0.66
N GLN A 590 -51.19 7.63 -0.03
CA GLN A 590 -50.68 7.66 1.33
C GLN A 590 -49.26 8.16 1.41
N LEU A 591 -48.49 8.04 0.32
CA LEU A 591 -47.15 8.62 0.30
C LEU A 591 -47.21 10.13 0.10
N HIS A 592 -48.14 10.61 -0.72
CA HIS A 592 -48.23 12.04 -0.98
C HIS A 592 -48.90 12.78 0.16
N LYS A 593 -49.91 12.17 0.80
CA LYS A 593 -50.66 12.87 1.83
C LYS A 593 -49.82 13.15 3.07
N MET A 594 -48.69 12.48 3.23
CA MET A 594 -47.74 12.81 4.30
C MET A 594 -46.44 13.37 3.74
N GLN A 595 -46.52 14.06 2.59
CA GLN A 595 -45.38 14.73 1.98
C GLN A 595 -44.19 13.80 1.78
N ASP B 22 19.11 14.95 5.31
CA ASP B 22 19.80 13.74 4.85
C ASP B 22 20.98 13.41 5.75
N LEU B 23 20.79 12.46 6.65
CA LEU B 23 21.81 12.09 7.63
C LEU B 23 22.56 10.84 7.20
N SER B 24 23.75 10.67 7.76
CA SER B 24 24.59 9.53 7.45
C SER B 24 24.10 8.29 8.19
N THR B 25 24.74 7.16 7.90
CA THR B 25 24.30 5.89 8.47
C THR B 25 24.52 5.85 9.98
N TRP B 26 25.71 6.24 10.44
CA TRP B 26 25.96 6.22 11.88
C TRP B 26 25.07 7.22 12.60
N GLN B 27 24.79 8.36 11.97
CA GLN B 27 23.84 9.29 12.54
C GLN B 27 22.45 8.66 12.62
N THR B 28 22.08 7.87 11.61
CA THR B 28 20.81 7.17 11.64
C THR B 28 20.73 6.23 12.84
N PHE B 29 21.79 5.44 13.06
CA PHE B 29 21.77 4.51 14.19
C PHE B 29 21.75 5.26 15.52
N ARG B 30 22.55 6.32 15.67
CA ARG B 30 22.53 7.02 16.94
C ARG B 30 21.22 7.78 17.16
N ARG B 31 20.48 8.07 16.09
CA ARG B 31 19.14 8.60 16.25
C ARG B 31 18.14 7.51 16.61
N LEU B 32 18.39 6.29 16.13
CA LEU B 32 17.50 5.17 16.35
C LEU B 32 17.79 4.40 17.64
N TRP B 33 18.94 4.65 18.28
CA TRP B 33 19.34 3.83 19.41
C TRP B 33 18.34 3.79 20.56
N PRO B 34 17.65 4.87 20.94
CA PRO B 34 16.67 4.73 22.03
C PRO B 34 15.61 3.69 21.76
N THR B 35 15.19 3.52 20.50
CA THR B 35 14.26 2.43 20.19
C THR B 35 14.91 1.07 20.41
N ILE B 36 16.18 0.93 20.03
CA ILE B 36 16.86 -0.36 20.12
C ILE B 36 17.27 -0.70 21.54
N ALA B 37 17.33 0.29 22.44
CA ALA B 37 17.95 0.11 23.75
C ALA B 37 17.44 -1.08 24.53
N PRO B 38 16.14 -1.35 24.64
CA PRO B 38 15.70 -2.50 25.46
C PRO B 38 16.24 -3.84 24.98
N PHE B 39 16.48 -4.00 23.68
CA PHE B 39 16.90 -5.28 23.11
C PHE B 39 18.41 -5.27 22.93
N LYS B 40 19.12 -5.42 24.05
CA LYS B 40 20.58 -5.40 24.00
C LYS B 40 21.22 -6.74 24.31
N ALA B 41 20.54 -7.63 25.03
CA ALA B 41 21.11 -8.96 25.26
C ALA B 41 21.28 -9.71 23.94
N GLY B 42 20.25 -9.67 23.10
CA GLY B 42 20.36 -10.31 21.79
C GLY B 42 21.47 -9.71 20.95
N LEU B 43 21.59 -8.39 20.96
CA LEU B 43 22.63 -7.74 20.19
C LEU B 43 24.02 -8.11 20.70
N ILE B 44 24.19 -8.18 22.02
CA ILE B 44 25.50 -8.51 22.58
C ILE B 44 25.89 -9.94 22.24
N VAL B 45 24.95 -10.88 22.41
CA VAL B 45 25.28 -12.26 22.12
C VAL B 45 25.52 -12.44 20.63
N ALA B 46 24.78 -11.71 19.80
CA ALA B 46 25.03 -11.75 18.36
C ALA B 46 26.40 -11.20 18.02
N GLY B 47 26.83 -10.13 18.70
CA GLY B 47 28.15 -9.59 18.45
C GLY B 47 29.26 -10.54 18.84
N VAL B 48 29.12 -11.19 19.99
CA VAL B 48 30.13 -12.16 20.41
C VAL B 48 30.18 -13.32 19.41
N ALA B 49 29.02 -13.83 19.03
CA ALA B 49 28.99 -14.91 18.04
C ALA B 49 29.57 -14.48 16.71
N LEU B 50 29.38 -13.22 16.34
CA LEU B 50 29.91 -12.74 15.08
C LEU B 50 31.43 -12.62 15.12
N ILE B 51 31.98 -12.17 16.24
CA ILE B 51 33.43 -12.15 16.40
C ILE B 51 33.98 -13.56 16.30
N LEU B 52 33.31 -14.52 16.95
CA LEU B 52 33.75 -15.90 16.86
C LEU B 52 33.68 -16.41 15.42
N ASN B 53 32.62 -16.07 14.69
CA ASN B 53 32.49 -16.48 13.30
C ASN B 53 33.61 -15.89 12.45
N ALA B 54 33.93 -14.62 12.66
CA ALA B 54 35.00 -13.98 11.91
C ALA B 54 36.33 -14.66 12.19
N ALA B 55 36.60 -14.96 13.46
CA ALA B 55 37.85 -15.65 13.80
C ALA B 55 37.90 -17.03 13.17
N SER B 56 36.79 -17.76 13.19
CA SER B 56 36.76 -19.08 12.58
C SER B 56 37.00 -19.01 11.07
N ASP B 57 36.39 -18.03 10.41
CA ASP B 57 36.55 -17.93 8.96
C ASP B 57 37.96 -17.51 8.59
N THR B 58 38.55 -16.59 9.36
CA THR B 58 39.94 -16.21 9.13
C THR B 58 40.87 -17.38 9.35
N PHE B 59 40.61 -18.18 10.39
CA PHE B 59 41.47 -19.32 10.69
C PHE B 59 41.45 -20.38 9.60
N MET B 60 40.41 -20.40 8.76
CA MET B 60 40.33 -21.41 7.71
C MET B 60 41.26 -21.06 6.56
N LEU B 61 41.41 -19.77 6.25
CA LEU B 61 42.35 -19.36 5.21
C LEU B 61 43.79 -19.51 5.68
N SER B 62 44.06 -19.27 6.97
CA SER B 62 45.42 -19.36 7.48
C SER B 62 45.93 -20.80 7.51
N LEU B 63 45.04 -21.80 7.39
CA LEU B 63 45.51 -23.17 7.34
C LEU B 63 46.30 -23.48 6.09
N LEU B 64 46.30 -22.58 5.10
CA LEU B 64 47.00 -22.83 3.86
C LEU B 64 48.51 -22.69 4.01
N LYS B 65 48.97 -22.07 5.08
CA LYS B 65 50.40 -21.95 5.33
C LYS B 65 50.99 -23.21 5.95
N PRO B 66 50.39 -23.78 7.02
CA PRO B 66 51.00 -24.97 7.63
C PRO B 66 51.12 -26.15 6.69
N LEU B 67 50.22 -26.29 5.71
CA LEU B 67 50.29 -27.43 4.81
C LEU B 67 51.30 -27.22 3.68
N LEU B 68 51.96 -26.06 3.63
CA LEU B 68 52.99 -25.80 2.62
C LEU B 68 54.39 -25.68 3.21
N ASP B 69 54.55 -24.97 4.33
CA ASP B 69 55.82 -25.02 5.04
C ASP B 69 56.09 -26.42 5.56
N ASP B 70 55.08 -27.06 6.12
CA ASP B 70 55.08 -28.49 6.41
C ASP B 70 54.32 -29.20 5.31
N GLY B 71 54.12 -30.50 5.47
CA GLY B 71 53.32 -31.23 4.50
C GLY B 71 53.94 -31.23 3.12
N PHE B 72 53.14 -30.84 2.12
CA PHE B 72 53.50 -31.07 0.73
C PHE B 72 54.74 -30.31 0.31
N GLY B 73 55.15 -29.30 1.08
CA GLY B 73 56.48 -28.75 0.98
C GLY B 73 57.33 -29.42 2.04
N LYS B 74 58.42 -30.06 1.59
CA LYS B 74 59.23 -30.92 2.45
C LYS B 74 58.35 -32.03 3.04
N THR B 75 57.92 -32.93 2.16
CA THR B 75 56.97 -33.98 2.50
C THR B 75 57.54 -34.99 3.50
N ASP B 76 58.79 -34.78 3.94
CA ASP B 76 59.38 -35.66 4.95
C ASP B 76 58.62 -35.62 6.27
N ARG B 77 57.83 -34.58 6.50
CA ARG B 77 56.97 -34.49 7.67
C ARG B 77 55.50 -34.46 7.26
N SER B 78 55.13 -35.33 6.31
CA SER B 78 53.74 -35.46 5.89
C SER B 78 52.90 -36.23 6.89
N VAL B 79 53.40 -36.43 8.12
CA VAL B 79 52.63 -37.07 9.17
C VAL B 79 51.39 -36.26 9.52
N LEU B 80 51.40 -34.96 9.22
CA LEU B 80 50.24 -34.11 9.45
C LEU B 80 49.00 -34.65 8.74
N VAL B 81 48.04 -35.14 9.52
CA VAL B 81 46.83 -35.76 8.95
C VAL B 81 45.62 -35.20 9.69
N TRP B 82 45.86 -34.41 10.73
CA TRP B 82 44.79 -33.88 11.55
C TRP B 82 43.99 -32.78 10.84
N MET B 83 44.43 -32.32 9.68
CA MET B 83 43.81 -31.16 9.07
C MET B 83 42.35 -31.36 8.69
N PRO B 84 41.93 -32.43 8.02
CA PRO B 84 40.50 -32.54 7.68
C PRO B 84 39.58 -32.55 8.89
N LEU B 85 40.00 -33.20 9.97
CA LEU B 85 39.16 -33.27 11.16
C LEU B 85 38.97 -31.88 11.77
N VAL B 86 40.05 -31.12 11.90
CA VAL B 86 39.94 -29.78 12.46
C VAL B 86 39.19 -28.86 11.50
N VAL B 87 39.29 -29.09 10.20
CA VAL B 87 38.51 -28.31 9.25
C VAL B 87 37.02 -28.54 9.47
N ILE B 88 36.62 -29.81 9.61
CA ILE B 88 35.21 -30.12 9.83
C ILE B 88 34.73 -29.52 11.15
N GLY B 89 35.52 -29.68 12.21
CA GLY B 89 35.13 -29.11 13.49
C GLY B 89 35.02 -27.59 13.46
N LEU B 90 35.98 -26.94 12.83
CA LEU B 90 35.96 -25.49 12.73
C LEU B 90 34.77 -25.01 11.91
N MET B 91 34.42 -25.75 10.86
CA MET B 91 33.24 -25.37 10.09
C MET B 91 31.96 -25.58 10.87
N ILE B 92 31.90 -26.62 11.72
CA ILE B 92 30.73 -26.78 12.58
C ILE B 92 30.59 -25.60 13.53
N LEU B 93 31.71 -25.20 14.14
CA LEU B 93 31.69 -24.04 15.01
C LEU B 93 31.25 -22.79 14.26
N ARG B 94 31.79 -22.60 13.04
CA ARG B 94 31.41 -21.45 12.24
C ARG B 94 29.92 -21.46 11.93
N GLY B 95 29.37 -22.63 11.60
CA GLY B 95 27.96 -22.71 11.30
C GLY B 95 27.09 -22.37 12.50
N ILE B 96 27.43 -22.91 13.67
CA ILE B 96 26.64 -22.65 14.86
C ILE B 96 26.67 -21.15 15.19
N THR B 97 27.86 -20.56 15.20
CA THR B 97 27.96 -19.15 15.53
C THR B 97 27.26 -18.29 14.50
N SER B 98 27.36 -18.64 13.21
CA SER B 98 26.67 -17.88 12.19
C SER B 98 25.16 -17.94 12.40
N TYR B 99 24.62 -19.11 12.71
CA TYR B 99 23.19 -19.22 12.92
C TYR B 99 22.74 -18.37 14.10
N VAL B 100 23.44 -18.48 15.24
CA VAL B 100 22.98 -17.75 16.41
C VAL B 100 23.12 -16.25 16.20
N SER B 101 24.18 -15.81 15.53
CA SER B 101 24.35 -14.38 15.27
C SER B 101 23.25 -13.88 14.35
N SER B 102 22.97 -14.61 13.28
CA SER B 102 21.94 -14.17 12.34
C SER B 102 20.58 -14.10 13.01
N TYR B 103 20.23 -15.13 13.78
CA TYR B 103 18.91 -15.14 14.42
C TYR B 103 18.80 -14.05 15.47
N CYS B 104 19.84 -13.82 16.27
CA CYS B 104 19.73 -12.83 17.32
C CYS B 104 19.98 -11.41 16.84
N ILE B 105 20.39 -11.21 15.58
CA ILE B 105 20.27 -9.89 14.97
C ILE B 105 18.90 -9.71 14.33
N SER B 106 18.36 -10.77 13.72
CA SER B 106 17.05 -10.66 13.12
C SER B 106 15.97 -10.46 14.17
N TRP B 107 16.17 -10.96 15.39
CA TRP B 107 15.18 -10.72 16.44
C TRP B 107 15.09 -9.25 16.78
N VAL B 108 16.24 -8.60 16.96
CA VAL B 108 16.25 -7.18 17.23
C VAL B 108 15.69 -6.40 16.04
N SER B 109 16.06 -6.81 14.82
CA SER B 109 15.57 -6.11 13.64
C SER B 109 14.05 -6.20 13.54
N GLY B 110 13.50 -7.40 13.71
CA GLY B 110 12.06 -7.56 13.64
C GLY B 110 11.33 -6.80 14.74
N LYS B 111 11.85 -6.85 15.96
CA LYS B 111 11.22 -6.14 17.06
C LYS B 111 11.24 -4.63 16.80
N VAL B 112 12.36 -4.11 16.32
CA VAL B 112 12.46 -2.67 16.09
C VAL B 112 11.54 -2.24 14.95
N VAL B 113 11.49 -3.03 13.87
CA VAL B 113 10.62 -2.66 12.75
C VAL B 113 9.16 -2.73 13.17
N MET B 114 8.79 -3.75 13.95
CA MET B 114 7.42 -3.83 14.44
C MET B 114 7.07 -2.65 15.33
N THR B 115 8.00 -2.24 16.19
CA THR B 115 7.75 -1.08 17.03
C THR B 115 7.61 0.19 16.19
N MET B 116 8.41 0.32 15.14
CA MET B 116 8.26 1.47 14.25
C MET B 116 6.90 1.46 13.57
N ARG B 117 6.44 0.30 13.10
CA ARG B 117 5.12 0.22 12.50
C ARG B 117 4.05 0.65 13.48
N ARG B 118 4.12 0.15 14.71
CA ARG B 118 3.11 0.47 15.69
C ARG B 118 3.12 1.95 16.03
N ARG B 119 4.30 2.53 16.22
CA ARG B 119 4.38 3.96 16.54
C ARG B 119 3.86 4.80 15.39
N LEU B 120 4.20 4.43 14.16
CA LEU B 120 3.74 5.19 13.01
C LEU B 120 2.22 5.12 12.87
N PHE B 121 1.65 3.93 13.03
CA PHE B 121 0.19 3.81 12.92
C PHE B 121 -0.50 4.58 14.03
N GLY B 122 -0.07 4.38 15.28
CA GLY B 122 -0.64 5.13 16.37
C GLY B 122 -0.38 6.62 16.30
N HIS B 123 0.56 7.05 15.45
CA HIS B 123 0.83 8.47 15.30
C HIS B 123 -0.12 9.11 14.31
N MET B 124 -0.14 8.62 13.07
CA MET B 124 -0.99 9.23 12.05
C MET B 124 -2.46 9.16 12.43
N MET B 125 -2.85 8.20 13.25
CA MET B 125 -4.20 8.14 13.76
C MET B 125 -4.48 9.24 14.77
N GLY B 126 -3.44 9.94 15.22
CA GLY B 126 -3.58 11.11 16.06
C GLY B 126 -3.41 12.44 15.36
N MET B 127 -3.29 12.46 14.03
CA MET B 127 -3.23 13.73 13.32
C MET B 127 -4.54 14.49 13.47
N PRO B 128 -4.47 15.82 13.47
CA PRO B 128 -5.70 16.62 13.42
C PRO B 128 -6.38 16.48 12.07
N VAL B 129 -7.69 16.72 12.08
CA VAL B 129 -8.47 16.56 10.86
C VAL B 129 -8.00 17.53 9.78
N SER B 130 -7.49 18.68 10.18
CA SER B 130 -6.98 19.64 9.20
C SER B 130 -5.87 19.04 8.35
N PHE B 131 -5.11 18.10 8.91
CA PHE B 131 -4.10 17.41 8.12
C PHE B 131 -4.72 16.39 7.19
N PHE B 132 -5.74 15.67 7.66
CA PHE B 132 -6.39 14.67 6.81
C PHE B 132 -7.20 15.30 5.69
N ASP B 133 -7.52 16.58 5.79
CA ASP B 133 -8.32 17.23 4.76
C ASP B 133 -7.49 17.68 3.57
N LYS B 134 -6.18 17.48 3.58
CA LYS B 134 -5.33 17.84 2.45
C LYS B 134 -4.43 16.71 1.98
N GLN B 135 -4.24 15.66 2.76
CA GLN B 135 -3.32 14.58 2.40
C GLN B 135 -4.12 13.40 1.86
N SER B 136 -3.78 12.95 0.67
CA SER B 136 -4.45 11.80 0.08
C SER B 136 -4.09 10.54 0.84
N THR B 137 -5.08 9.66 1.02
CA THR B 137 -4.87 8.45 1.80
C THR B 137 -3.83 7.53 1.16
N GLY B 138 -3.61 7.65 -0.14
CA GLY B 138 -2.61 6.81 -0.79
C GLY B 138 -1.23 7.00 -0.23
N THR B 139 -0.84 8.25 0.03
CA THR B 139 0.50 8.51 0.54
C THR B 139 0.69 7.92 1.93
N LEU B 140 -0.32 8.03 2.80
CA LEU B 140 -0.21 7.45 4.13
C LEU B 140 -0.15 5.93 4.07
N LEU B 141 -0.96 5.32 3.21
CA LEU B 141 -0.85 3.87 3.03
C LEU B 141 0.52 3.49 2.49
N SER B 142 1.10 4.32 1.63
CA SER B 142 2.47 4.06 1.17
C SER B 142 3.45 4.13 2.33
N ARG B 143 3.26 5.10 3.22
CA ARG B 143 4.13 5.21 4.38
C ARG B 143 4.09 3.94 5.23
N ILE B 144 2.89 3.40 5.45
CA ILE B 144 2.79 2.21 6.28
C ILE B 144 3.27 0.96 5.54
N THR B 145 2.92 0.83 4.27
CA THR B 145 3.15 -0.43 3.54
C THR B 145 4.54 -0.50 2.92
N TYR B 146 4.88 0.49 2.09
CA TYR B 146 6.11 0.41 1.31
C TYR B 146 7.35 0.73 2.14
N ASP B 147 7.36 1.92 2.75
CA ASP B 147 8.56 2.37 3.48
C ASP B 147 8.91 1.41 4.60
N SER B 148 7.92 1.06 5.43
CA SER B 148 8.20 0.15 6.53
C SER B 148 8.67 -1.20 6.03
N GLU B 149 8.12 -1.67 4.91
CA GLU B 149 8.61 -2.91 4.33
C GLU B 149 10.06 -2.77 3.88
N GLN B 150 10.43 -1.61 3.34
CA GLN B 150 11.82 -1.41 2.96
C GLN B 150 12.73 -1.47 4.18
N VAL B 151 12.32 -0.83 5.28
CA VAL B 151 13.13 -0.89 6.49
C VAL B 151 13.27 -2.33 6.96
N ALA B 152 12.16 -3.08 6.97
CA ALA B 152 12.21 -4.46 7.43
C ALA B 152 13.11 -5.30 6.57
N SER B 153 12.98 -5.18 5.25
CA SER B 153 13.79 -5.99 4.34
C SER B 153 15.27 -5.66 4.46
N SER B 154 15.61 -4.38 4.53
CA SER B 154 17.01 -4.00 4.64
C SER B 154 17.60 -4.47 5.96
N SER B 155 16.87 -4.27 7.06
CA SER B 155 17.40 -4.63 8.37
C SER B 155 17.34 -6.12 8.67
N SER B 156 16.61 -6.90 7.86
CA SER B 156 16.57 -8.34 8.04
C SER B 156 17.53 -9.07 7.12
N GLY B 157 17.53 -8.75 5.83
CA GLY B 157 18.36 -9.45 4.89
C GLY B 157 19.70 -8.80 4.62
N ALA B 158 19.69 -7.50 4.34
CA ALA B 158 20.92 -6.81 3.97
C ALA B 158 21.82 -6.52 5.18
N LEU B 159 21.23 -6.22 6.34
CA LEU B 159 22.05 -5.83 7.49
C LEU B 159 22.96 -6.96 7.93
N ILE B 160 22.45 -8.19 8.01
CA ILE B 160 23.27 -9.29 8.46
C ILE B 160 24.42 -9.53 7.49
N THR B 161 24.14 -9.44 6.19
CA THR B 161 25.20 -9.60 5.19
C THR B 161 26.26 -8.52 5.35
N VAL B 162 25.83 -7.27 5.53
CA VAL B 162 26.78 -6.18 5.64
C VAL B 162 27.68 -6.38 6.85
N VAL B 163 27.09 -6.70 8.00
CA VAL B 163 27.90 -6.84 9.20
C VAL B 163 28.81 -8.06 9.12
N ARG B 164 28.32 -9.15 8.52
CA ARG B 164 29.15 -10.35 8.38
C ARG B 164 30.35 -10.08 7.49
N GLU B 165 30.14 -9.40 6.35
CA GLU B 165 31.27 -9.07 5.50
C GLU B 165 32.21 -8.10 6.17
N GLY B 166 31.68 -7.16 6.97
CA GLY B 166 32.56 -6.29 7.74
C GLY B 166 33.44 -7.06 8.70
N ALA B 167 32.86 -8.03 9.41
CA ALA B 167 33.64 -8.85 10.32
C ALA B 167 34.72 -9.62 9.57
N SER B 168 34.36 -10.20 8.42
CA SER B 168 35.35 -10.95 7.64
C SER B 168 36.48 -10.05 7.17
N ILE B 169 36.15 -8.83 6.72
CA ILE B 169 37.18 -7.90 6.26
C ILE B 169 38.12 -7.54 7.40
N ILE B 170 37.57 -7.25 8.58
CA ILE B 170 38.41 -6.89 9.71
C ILE B 170 39.32 -8.05 10.08
N GLY B 171 38.78 -9.27 10.08
CA GLY B 171 39.60 -10.43 10.39
C GLY B 171 40.74 -10.60 9.40
N LEU B 172 40.46 -10.40 8.11
CA LEU B 172 41.50 -10.56 7.11
C LEU B 172 42.58 -9.49 7.26
N PHE B 173 42.18 -8.25 7.54
CA PHE B 173 43.18 -7.23 7.89
C PHE B 173 44.08 -7.69 9.03
N ILE B 174 43.47 -8.17 10.10
CA ILE B 174 44.25 -8.57 11.27
C ILE B 174 45.23 -9.68 10.91
N MET B 175 44.76 -10.69 10.18
CA MET B 175 45.62 -11.82 9.85
C MET B 175 46.78 -11.38 8.96
N MET B 176 46.50 -10.61 7.90
CA MET B 176 47.57 -10.19 7.01
C MET B 176 48.58 -9.33 7.73
N PHE B 177 48.13 -8.37 8.54
CA PHE B 177 49.08 -7.55 9.26
C PHE B 177 49.86 -8.39 10.26
N TYR B 178 49.27 -9.48 10.75
CA TYR B 178 50.02 -10.39 11.59
C TYR B 178 51.14 -11.05 10.81
N TYR B 179 50.88 -11.43 9.55
CA TYR B 179 51.87 -12.19 8.80
C TYR B 179 53.05 -11.32 8.38
N SER B 180 52.81 -10.28 7.59
CA SER B 180 53.90 -9.44 7.11
C SER B 180 53.34 -8.10 6.71
N TRP B 181 53.83 -7.02 7.33
CA TRP B 181 53.33 -5.69 7.02
C TRP B 181 54.10 -5.01 5.90
N GLN B 182 55.26 -5.53 5.50
CA GLN B 182 55.92 -5.00 4.30
C GLN B 182 55.01 -5.13 3.10
N LEU B 183 54.19 -6.17 3.05
CA LEU B 183 53.27 -6.43 1.95
C LEU B 183 51.84 -6.03 2.28
N SER B 184 51.63 -5.29 3.37
CA SER B 184 50.27 -4.98 3.76
C SER B 184 50.06 -3.54 4.23
N ILE B 185 51.10 -2.71 4.29
CA ILE B 185 50.88 -1.30 4.64
C ILE B 185 50.09 -0.57 3.58
N ILE B 186 49.93 -1.15 2.39
CA ILE B 186 49.14 -0.49 1.35
C ILE B 186 47.68 -0.44 1.75
N LEU B 187 47.20 -1.41 2.52
CA LEU B 187 45.80 -1.40 2.95
C LEU B 187 45.52 -0.27 3.92
N ILE B 188 46.55 0.30 4.55
CA ILE B 188 46.35 1.53 5.30
C ILE B 188 46.06 2.69 4.35
N VAL B 189 46.72 2.70 3.19
CA VAL B 189 46.52 3.79 2.24
C VAL B 189 45.16 3.65 1.54
N LEU B 190 44.80 2.44 1.13
CA LEU B 190 43.63 2.27 0.27
C LEU B 190 42.31 2.20 1.03
N ALA B 191 42.35 1.94 2.34
CA ALA B 191 41.12 1.97 3.12
C ALA B 191 40.46 3.34 3.10
N PRO B 192 41.16 4.47 3.26
CA PRO B 192 40.48 5.76 3.11
C PRO B 192 39.84 5.95 1.75
N ILE B 193 40.48 5.52 0.67
CA ILE B 193 39.90 5.71 -0.65
C ILE B 193 38.62 4.89 -0.80
N VAL B 194 38.66 3.63 -0.37
CA VAL B 194 37.45 2.81 -0.45
C VAL B 194 36.35 3.40 0.42
N SER B 195 36.70 3.90 1.60
CA SER B 195 35.70 4.50 2.47
C SER B 195 35.07 5.74 1.83
N ILE B 196 35.89 6.58 1.21
CA ILE B 196 35.37 7.78 0.56
C ILE B 196 34.41 7.40 -0.55
N ALA B 197 34.78 6.39 -1.36
CA ALA B 197 33.88 5.97 -2.44
C ALA B 197 32.56 5.44 -1.89
N ILE B 198 32.63 4.61 -0.84
CA ILE B 198 31.40 4.05 -0.29
C ILE B 198 30.51 5.15 0.27
N ARG B 199 31.10 6.13 0.95
CA ARG B 199 30.29 7.22 1.51
C ARG B 199 29.63 8.04 0.41
N VAL B 200 30.41 8.42 -0.61
CA VAL B 200 29.85 9.28 -1.66
C VAL B 200 28.94 8.53 -2.62
N VAL B 201 28.85 7.21 -2.52
CA VAL B 201 27.82 6.52 -3.29
C VAL B 201 26.62 6.24 -2.40
N SER B 202 26.85 6.10 -1.09
CA SER B 202 25.73 5.92 -0.18
C SER B 202 24.85 7.16 -0.11
N LYS B 203 25.46 8.35 -0.21
CA LYS B 203 24.66 9.56 -0.24
C LYS B 203 23.69 9.53 -1.41
N ARG B 204 24.18 9.16 -2.60
CA ARG B 204 23.32 9.11 -3.78
C ARG B 204 22.26 8.03 -3.63
N PHE B 205 22.62 6.89 -3.05
CA PHE B 205 21.61 5.86 -2.81
C PHE B 205 20.49 6.37 -1.92
N ARG B 206 20.82 7.09 -0.85
CA ARG B 206 19.79 7.60 0.03
C ARG B 206 18.91 8.62 -0.69
N ASN B 207 19.51 9.50 -1.49
CA ASN B 207 18.70 10.48 -2.21
C ASN B 207 17.76 9.80 -3.20
N ILE B 208 18.26 8.82 -3.96
CA ILE B 208 17.41 8.13 -4.91
C ILE B 208 16.29 7.40 -4.20
N SER B 209 16.59 6.78 -3.06
CA SER B 209 15.56 6.07 -2.32
C SER B 209 14.49 7.03 -1.79
N LYS B 210 14.91 8.20 -1.30
CA LYS B 210 13.93 9.15 -0.79
C LYS B 210 13.08 9.74 -1.91
N ASN B 211 13.58 9.75 -3.14
CA ASN B 211 12.70 10.09 -4.27
C ASN B 211 11.77 8.92 -4.61
N MET B 212 12.30 7.71 -4.51
CA MET B 212 11.52 6.52 -4.84
C MET B 212 10.33 6.37 -3.91
N GLN B 213 10.47 6.77 -2.65
CA GLN B 213 9.35 6.71 -1.73
C GLN B 213 8.18 7.57 -2.20
N ASN B 214 8.48 8.81 -2.63
CA ASN B 214 7.43 9.67 -3.14
C ASN B 214 6.83 9.11 -4.42
N THR B 215 7.67 8.54 -5.28
CA THR B 215 7.12 7.97 -6.52
C THR B 215 6.17 6.81 -6.22
N MET B 216 6.53 5.95 -5.26
CA MET B 216 5.63 4.87 -4.89
C MET B 216 4.37 5.39 -4.23
N GLY B 217 4.49 6.49 -3.47
CA GLY B 217 3.29 7.13 -2.95
C GLY B 217 2.36 7.56 -4.06
N GLN B 218 2.92 8.13 -5.13
CA GLN B 218 2.08 8.50 -6.27
C GLN B 218 1.45 7.28 -6.92
N VAL B 219 2.21 6.19 -7.03
CA VAL B 219 1.67 4.95 -7.60
C VAL B 219 0.45 4.49 -6.82
N THR B 220 0.58 4.43 -5.50
CA THR B 220 -0.52 3.90 -4.70
C THR B 220 -1.67 4.90 -4.60
N THR B 221 -1.40 6.21 -4.69
CA THR B 221 -2.51 7.15 -4.77
C THR B 221 -3.31 6.93 -6.04
N SER B 222 -2.63 6.71 -7.17
CA SER B 222 -3.35 6.46 -8.41
C SER B 222 -4.17 5.18 -8.32
N ALA B 223 -3.57 4.12 -7.77
CA ALA B 223 -4.31 2.87 -7.62
C ALA B 223 -5.53 3.06 -6.73
N GLU B 224 -5.34 3.71 -5.58
CA GLU B 224 -6.45 3.90 -4.65
C GLU B 224 -7.55 4.74 -5.26
N GLN B 225 -7.19 5.82 -5.95
CA GLN B 225 -8.20 6.63 -6.62
C GLN B 225 -8.89 5.87 -7.73
N MET B 226 -8.28 4.82 -8.26
CA MET B 226 -9.02 4.01 -9.22
C MET B 226 -9.99 3.07 -8.51
N LEU B 227 -9.54 2.38 -7.46
CA LEU B 227 -10.43 1.44 -6.77
C LEU B 227 -11.64 2.13 -6.16
N LYS B 228 -11.42 2.98 -5.17
CA LYS B 228 -12.55 3.51 -4.43
C LYS B 228 -13.37 4.52 -5.22
N GLY B 229 -13.02 4.77 -6.47
CA GLY B 229 -13.86 5.54 -7.37
C GLY B 229 -14.16 4.75 -8.62
N HIS B 230 -14.34 3.43 -8.46
CA HIS B 230 -14.43 2.56 -9.63
C HIS B 230 -15.65 2.84 -10.48
N LYS B 231 -16.81 3.07 -9.85
CA LYS B 231 -18.03 3.26 -10.63
C LYS B 231 -17.94 4.50 -11.50
N GLU B 232 -17.35 5.57 -10.97
CA GLU B 232 -17.15 6.76 -11.79
C GLU B 232 -16.19 6.50 -12.94
N VAL B 233 -15.29 5.54 -12.78
CA VAL B 233 -14.45 5.13 -13.90
C VAL B 233 -15.26 4.39 -14.94
N LEU B 234 -16.14 3.50 -14.49
CA LEU B 234 -16.93 2.70 -15.42
C LEU B 234 -17.89 3.56 -16.23
N ILE B 235 -18.65 4.42 -15.55
CA ILE B 235 -19.75 5.12 -16.20
C ILE B 235 -19.24 6.06 -17.29
N PHE B 236 -18.21 6.83 -16.96
CA PHE B 236 -17.74 7.90 -17.84
C PHE B 236 -16.59 7.48 -18.72
N GLY B 237 -16.24 6.19 -18.73
CA GLY B 237 -15.16 5.73 -19.56
C GLY B 237 -13.79 6.25 -19.15
N GLY B 238 -13.51 6.25 -17.85
CA GLY B 238 -12.20 6.67 -17.38
C GLY B 238 -11.16 5.61 -17.56
N GLN B 239 -11.42 4.65 -18.45
CA GLN B 239 -10.50 3.56 -18.71
C GLN B 239 -9.14 4.08 -19.15
N GLU B 240 -9.11 4.74 -20.31
CA GLU B 240 -7.86 5.10 -20.95
C GLU B 240 -7.12 6.19 -20.19
N VAL B 241 -7.86 7.12 -19.55
CA VAL B 241 -7.22 8.17 -18.78
C VAL B 241 -6.46 7.60 -17.60
N GLU B 242 -7.11 6.70 -16.85
CA GLU B 242 -6.44 6.06 -15.72
C GLU B 242 -5.27 5.21 -16.19
N THR B 243 -5.43 4.54 -17.33
CA THR B 243 -4.31 3.77 -17.86
C THR B 243 -3.12 4.66 -18.16
N LYS B 244 -3.36 5.83 -18.77
CA LYS B 244 -2.26 6.75 -19.05
C LYS B 244 -1.61 7.23 -17.75
N ARG B 245 -2.42 7.59 -16.76
CA ARG B 245 -1.86 8.08 -15.50
C ARG B 245 -0.98 7.03 -14.85
N PHE B 246 -1.48 5.80 -14.74
CA PHE B 246 -0.67 4.76 -14.11
C PHE B 246 0.56 4.43 -14.95
N ASP B 247 0.45 4.49 -16.27
CA ASP B 247 1.64 4.25 -17.10
C ASP B 247 2.71 5.29 -16.81
N LYS B 248 2.32 6.55 -16.73
CA LYS B 248 3.31 7.59 -16.44
C LYS B 248 3.94 7.40 -15.08
N VAL B 249 3.14 7.10 -14.06
CA VAL B 249 3.71 6.99 -12.72
C VAL B 249 4.61 5.77 -12.61
N SER B 250 4.20 4.64 -13.21
CA SER B 250 5.06 3.46 -13.18
C SER B 250 6.34 3.68 -13.98
N ASN B 251 6.26 4.46 -15.06
CA ASN B 251 7.47 4.78 -15.81
C ASN B 251 8.43 5.61 -14.97
N ARG B 252 7.90 6.57 -14.23
CA ARG B 252 8.75 7.34 -13.32
C ARG B 252 9.40 6.43 -12.28
N MET B 253 8.63 5.49 -11.75
CA MET B 253 9.18 4.54 -10.78
C MET B 253 10.33 3.73 -11.37
N ARG B 254 10.12 3.17 -12.56
CA ARG B 254 11.16 2.34 -13.16
C ARG B 254 12.39 3.16 -13.51
N LEU B 255 12.20 4.40 -13.97
CA LEU B 255 13.35 5.23 -14.28
C LEU B 255 14.17 5.53 -13.05
N GLN B 256 13.52 5.81 -11.92
CA GLN B 256 14.28 6.03 -10.70
C GLN B 256 15.00 4.75 -10.27
N GLY B 257 14.34 3.61 -10.41
CA GLY B 257 15.02 2.35 -10.11
C GLY B 257 16.26 2.13 -10.96
N MET B 258 16.17 2.47 -12.25
CA MET B 258 17.32 2.34 -13.13
C MET B 258 18.43 3.32 -12.75
N LYS B 259 18.06 4.52 -12.30
CA LYS B 259 19.09 5.43 -11.81
C LYS B 259 19.82 4.84 -10.61
N MET B 260 19.07 4.23 -9.70
CA MET B 260 19.69 3.56 -8.55
C MET B 260 20.65 2.46 -9.01
N VAL B 261 20.20 1.64 -9.96
CA VAL B 261 21.02 0.52 -10.40
C VAL B 261 22.26 1.02 -11.13
N SER B 262 22.13 2.11 -11.90
CA SER B 262 23.29 2.68 -12.55
C SER B 262 24.31 3.14 -11.52
N ALA B 263 23.85 3.81 -10.46
CA ALA B 263 24.78 4.21 -9.41
C ALA B 263 25.47 3.00 -8.78
N SER B 264 24.70 1.96 -8.49
CA SER B 264 25.27 0.77 -7.84
C SER B 264 26.31 0.10 -8.74
N SER B 265 25.97 -0.10 -10.00
CA SER B 265 26.85 -0.83 -10.91
C SER B 265 27.93 0.04 -11.52
N ILE B 266 27.94 1.34 -11.26
CA ILE B 266 29.09 2.17 -11.58
C ILE B 266 29.98 2.41 -10.36
N SER B 267 29.47 2.18 -9.15
CA SER B 267 30.34 2.26 -7.99
C SER B 267 30.98 0.94 -7.64
N ASP B 268 30.35 -0.19 -7.99
CA ASP B 268 30.93 -1.48 -7.62
C ASP B 268 32.25 -1.74 -8.33
N PRO B 269 32.32 -1.78 -9.67
CA PRO B 269 33.59 -2.12 -10.31
C PRO B 269 34.71 -1.13 -10.02
N ILE B 270 34.40 0.16 -9.82
CA ILE B 270 35.46 1.11 -9.53
C ILE B 270 36.11 0.79 -8.19
N ILE B 271 35.29 0.52 -7.17
CA ILE B 271 35.83 0.16 -5.86
C ILE B 271 36.58 -1.16 -5.94
N GLN B 272 36.06 -2.10 -6.73
CA GLN B 272 36.79 -3.36 -6.92
C GLN B 272 38.16 -3.12 -7.52
N LEU B 273 38.24 -2.25 -8.53
CA LEU B 273 39.53 -1.97 -9.17
C LEU B 273 40.47 -1.24 -8.22
N ILE B 274 39.93 -0.35 -7.38
CA ILE B 274 40.78 0.36 -6.43
C ILE B 274 41.47 -0.63 -5.50
N ALA B 275 40.74 -1.62 -5.01
CA ALA B 275 41.35 -2.64 -4.15
C ALA B 275 42.36 -3.47 -4.92
N SER B 276 42.23 -3.55 -6.24
CA SER B 276 43.18 -4.33 -7.03
C SER B 276 44.57 -3.71 -7.02
N LEU B 277 44.66 -2.39 -6.86
CA LEU B 277 45.97 -1.74 -6.78
C LEU B 277 46.76 -2.22 -5.58
N ALA B 278 46.09 -2.76 -4.55
CA ALA B 278 46.82 -3.37 -3.44
C ALA B 278 47.44 -4.69 -3.86
N LEU B 279 46.69 -5.52 -4.58
CA LEU B 279 47.22 -6.82 -5.00
C LEU B 279 48.38 -6.65 -5.97
N ALA B 280 48.27 -5.71 -6.91
CA ALA B 280 49.36 -5.46 -7.84
C ALA B 280 50.60 -4.98 -7.10
N PHE B 281 50.43 -4.11 -6.11
CA PHE B 281 51.58 -3.66 -5.33
C PHE B 281 52.22 -4.80 -4.55
N VAL B 282 51.40 -5.67 -3.95
CA VAL B 282 51.94 -6.83 -3.25
C VAL B 282 52.76 -7.69 -4.20
N LEU B 283 52.21 -7.96 -5.37
CA LEU B 283 52.95 -8.76 -6.35
C LEU B 283 54.20 -8.03 -6.82
N TYR B 284 54.20 -6.70 -6.77
CA TYR B 284 55.39 -5.94 -7.11
C TYR B 284 56.44 -6.00 -6.00
N ALA B 285 56.00 -6.11 -4.74
CA ALA B 285 56.96 -6.18 -3.65
C ALA B 285 57.68 -7.51 -3.62
N ALA B 286 56.97 -8.60 -3.95
CA ALA B 286 57.59 -9.91 -3.94
C ALA B 286 58.69 -10.06 -4.97
N SER B 287 58.66 -9.24 -6.03
CA SER B 287 59.68 -9.32 -7.05
C SER B 287 61.06 -8.90 -6.54
N PHE B 288 61.12 -8.14 -5.44
CA PHE B 288 62.39 -7.64 -4.94
C PHE B 288 62.98 -8.62 -3.93
N PRO B 289 64.05 -9.33 -4.26
CA PRO B 289 64.60 -10.32 -3.32
C PRO B 289 65.41 -9.68 -2.19
N SER B 290 66.17 -8.64 -2.53
CA SER B 290 67.13 -8.07 -1.58
C SER B 290 66.47 -7.60 -0.31
N VAL B 291 65.20 -7.23 -0.38
CA VAL B 291 64.44 -6.87 0.81
C VAL B 291 63.54 -8.01 1.27
N MET B 292 62.78 -8.60 0.35
CA MET B 292 61.82 -9.65 0.70
C MET B 292 62.40 -11.03 0.46
N ASP B 293 63.58 -11.30 1.01
CA ASP B 293 64.21 -12.61 0.88
C ASP B 293 63.65 -13.62 1.88
N SER B 294 63.14 -13.15 3.02
CA SER B 294 62.74 -14.03 4.12
C SER B 294 61.29 -14.46 4.02
N LEU B 295 60.72 -14.50 2.83
CA LEU B 295 59.34 -14.97 2.66
C LEU B 295 59.33 -16.47 2.41
N THR B 296 58.68 -17.21 3.30
CA THR B 296 58.53 -18.64 3.12
C THR B 296 57.52 -18.91 2.01
N ALA B 297 57.61 -20.11 1.43
CA ALA B 297 56.72 -20.49 0.34
C ALA B 297 55.26 -20.56 0.76
N GLY B 298 54.97 -20.56 2.05
CA GLY B 298 53.60 -20.58 2.51
C GLY B 298 53.11 -19.21 2.95
N THR B 299 54.01 -18.41 3.53
CA THR B 299 53.59 -17.09 3.99
C THR B 299 53.15 -16.20 2.84
N ILE B 300 53.89 -16.23 1.73
CA ILE B 300 53.53 -15.38 0.60
C ILE B 300 52.22 -15.84 -0.02
N THR B 301 52.01 -17.16 -0.14
CA THR B 301 50.81 -17.65 -0.80
C THR B 301 49.58 -17.55 0.07
N VAL B 302 49.72 -17.28 1.36
CA VAL B 302 48.54 -17.02 2.17
C VAL B 302 48.19 -15.53 2.17
N VAL B 303 49.18 -14.66 1.96
CA VAL B 303 48.89 -13.24 1.81
C VAL B 303 48.16 -12.99 0.50
N PHE B 304 48.58 -13.67 -0.57
CA PHE B 304 47.92 -13.50 -1.86
C PHE B 304 46.49 -14.03 -1.81
N SER B 305 46.30 -15.23 -1.27
CA SER B 305 44.96 -15.75 -1.09
C SER B 305 44.14 -14.86 -0.16
N SER B 306 44.80 -14.21 0.80
CA SER B 306 44.09 -13.28 1.67
C SER B 306 43.62 -12.06 0.92
N MET B 307 44.45 -11.53 0.01
CA MET B 307 43.98 -10.42 -0.82
C MET B 307 42.78 -10.82 -1.65
N ILE B 308 42.81 -12.01 -2.27
CA ILE B 308 41.67 -12.43 -3.08
C ILE B 308 40.42 -12.58 -2.22
N ALA B 309 40.56 -13.27 -1.09
CA ALA B 309 39.41 -13.56 -0.22
C ALA B 309 39.00 -12.37 0.61
N LEU B 310 39.75 -11.26 0.55
CA LEU B 310 39.28 -9.98 1.06
C LEU B 310 38.59 -9.17 0.00
N MET B 311 39.06 -9.27 -1.25
CA MET B 311 38.44 -8.50 -2.32
C MET B 311 37.07 -9.04 -2.66
N ARG B 312 36.83 -10.34 -2.46
CA ARG B 312 35.48 -10.86 -2.68
C ARG B 312 34.45 -10.24 -1.75
N PRO B 313 34.66 -10.19 -0.42
CA PRO B 313 33.67 -9.52 0.43
C PRO B 313 33.49 -8.06 0.12
N LEU B 314 34.49 -7.37 -0.43
CA LEU B 314 34.29 -6.00 -0.87
C LEU B 314 33.21 -5.94 -1.94
N LYS B 315 33.28 -6.83 -2.92
CA LYS B 315 32.25 -6.88 -3.95
C LYS B 315 30.90 -7.19 -3.33
N SER B 316 30.85 -8.17 -2.43
CA SER B 316 29.56 -8.54 -1.83
C SER B 316 28.96 -7.38 -1.03
N LEU B 317 29.78 -6.71 -0.22
CA LEU B 317 29.30 -5.62 0.62
C LEU B 317 28.86 -4.43 -0.21
N THR B 318 29.67 -4.02 -1.19
CA THR B 318 29.29 -2.88 -2.00
C THR B 318 28.12 -3.20 -2.92
N ASN B 319 27.88 -4.47 -3.24
CA ASN B 319 26.67 -4.82 -3.98
C ASN B 319 25.44 -4.74 -3.08
N VAL B 320 25.53 -5.31 -1.88
CA VAL B 320 24.38 -5.31 -0.97
C VAL B 320 24.13 -3.95 -0.35
N ASN B 321 25.06 -3.01 -0.52
CA ASN B 321 24.90 -1.68 0.07
C ASN B 321 23.68 -0.94 -0.47
N ALA B 322 23.14 -1.37 -1.62
CA ALA B 322 21.95 -0.71 -2.15
C ALA B 322 20.75 -0.90 -1.23
N GLN B 323 20.46 -2.16 -0.86
CA GLN B 323 19.32 -2.43 0.00
C GLN B 323 19.48 -1.76 1.35
N PHE B 324 20.68 -1.83 1.93
CA PHE B 324 20.89 -1.26 3.25
C PHE B 324 20.72 0.25 3.23
N GLN B 325 21.25 0.92 2.22
CA GLN B 325 21.09 2.37 2.15
C GLN B 325 19.64 2.76 1.89
N ARG B 326 18.94 1.97 1.08
CA ARG B 326 17.52 2.21 0.89
C ARG B 326 16.76 2.11 2.21
N GLY B 327 17.08 1.09 3.00
CA GLY B 327 16.43 0.95 4.29
C GLY B 327 16.75 2.10 5.23
N MET B 328 18.00 2.56 5.22
CA MET B 328 18.35 3.69 6.07
C MET B 328 17.62 4.96 5.65
N ALA B 329 17.46 5.16 4.33
CA ALA B 329 16.68 6.30 3.87
C ALA B 329 15.24 6.20 4.35
N ALA B 330 14.66 5.00 4.27
CA ALA B 330 13.29 4.83 4.72
C ALA B 330 13.16 5.08 6.23
N CYS B 331 14.11 4.60 7.01
CA CYS B 331 14.07 4.83 8.45
C CYS B 331 14.20 6.31 8.77
N GLN B 332 15.04 7.03 8.03
CA GLN B 332 15.15 8.47 8.21
C GLN B 332 13.82 9.15 7.91
N THR B 333 13.17 8.76 6.81
CA THR B 333 11.89 9.38 6.46
C THR B 333 10.85 9.13 7.55
N LEU B 334 10.78 7.90 8.05
CA LEU B 334 9.82 7.62 9.13
C LEU B 334 10.17 8.39 10.40
N PHE B 335 11.45 8.55 10.70
CA PHE B 335 11.78 9.32 11.90
C PHE B 335 11.42 10.78 11.74
N THR B 336 11.41 11.29 10.51
CA THR B 336 10.91 12.66 10.31
C THR B 336 9.43 12.75 10.60
N ILE B 337 8.67 11.70 10.28
CA ILE B 337 7.23 11.72 10.53
C ILE B 337 6.95 11.65 12.03
N LEU B 338 7.63 10.73 12.73
CA LEU B 338 7.26 10.42 14.10
C LEU B 338 7.44 11.57 15.07
N ASP B 339 8.17 12.61 14.70
CA ASP B 339 8.32 13.78 15.56
C ASP B 339 7.54 14.99 15.05
N SER B 340 6.62 14.80 14.10
CA SER B 340 5.79 15.89 13.64
C SER B 340 4.82 16.30 14.72
N GLU B 341 3.98 17.28 14.41
CA GLU B 341 3.02 17.80 15.37
C GLU B 341 1.71 17.02 15.25
N GLN B 342 1.27 16.42 16.35
CA GLN B 342 0.00 15.74 16.40
C GLN B 342 -1.11 16.74 16.75
N GLU B 343 -2.28 16.23 17.07
CA GLU B 343 -3.36 17.08 17.52
C GLU B 343 -2.97 17.80 18.81
N LYS B 344 -3.55 18.97 19.04
CA LYS B 344 -3.15 19.81 20.16
C LYS B 344 -3.33 19.10 21.49
N ASP B 345 -4.57 18.81 21.86
CA ASP B 345 -4.91 18.04 23.06
C ASP B 345 -4.20 18.59 24.29
N GLU B 346 -4.56 19.83 24.64
CA GLU B 346 -4.06 20.47 25.84
C GLU B 346 -5.18 20.62 26.85
N GLY B 347 -4.80 20.92 28.09
CA GLY B 347 -5.78 21.00 29.17
C GLY B 347 -6.14 19.63 29.67
N LYS B 348 -6.22 19.46 30.99
CA LYS B 348 -6.34 18.15 31.60
C LYS B 348 -7.54 18.11 32.54
N ARG B 349 -8.70 18.57 32.05
CA ARG B 349 -9.93 18.57 32.84
C ARG B 349 -10.84 17.48 32.27
N VAL B 350 -10.71 16.28 32.82
CA VAL B 350 -11.60 15.18 32.42
C VAL B 350 -12.99 15.43 32.96
N ILE B 351 -14.00 14.96 32.23
CA ILE B 351 -15.39 15.08 32.64
C ILE B 351 -16.07 13.71 32.52
N GLU B 352 -16.89 13.38 33.51
CA GLU B 352 -17.52 12.07 33.53
C GLU B 352 -18.67 11.99 32.52
N ARG B 353 -19.69 12.81 32.70
CA ARG B 353 -20.81 12.87 31.77
C ARG B 353 -21.35 14.29 31.81
N ALA B 354 -21.13 15.03 30.73
CA ALA B 354 -21.45 16.46 30.71
C ALA B 354 -22.96 16.69 30.74
N THR B 355 -23.36 17.83 31.28
CA THR B 355 -24.77 18.19 31.27
C THR B 355 -25.28 18.39 29.85
N GLY B 356 -24.40 18.78 28.93
CA GLY B 356 -24.75 18.95 27.54
C GLY B 356 -24.90 20.40 27.10
N ASP B 357 -24.87 21.34 28.03
CA ASP B 357 -25.01 22.75 27.67
C ASP B 357 -23.82 23.21 26.85
N VAL B 358 -24.11 23.90 25.75
CA VAL B 358 -23.08 24.42 24.84
C VAL B 358 -23.47 25.85 24.45
N GLU B 359 -22.48 26.75 24.43
CA GLU B 359 -22.71 28.13 24.09
C GLU B 359 -21.57 28.65 23.24
N PHE B 360 -21.89 29.58 22.34
CA PHE B 360 -20.90 30.24 21.49
C PHE B 360 -20.80 31.71 21.88
N ARG B 361 -19.62 32.28 21.67
CA ARG B 361 -19.36 33.68 22.05
C ARG B 361 -18.55 34.36 20.95
N ASN B 362 -19.25 35.08 20.07
CA ASN B 362 -18.62 35.83 18.98
C ASN B 362 -17.67 34.95 18.16
N VAL B 363 -18.05 33.69 18.00
CA VAL B 363 -17.20 32.74 17.32
C VAL B 363 -16.98 33.15 15.88
N THR B 364 -15.73 33.09 15.43
CA THR B 364 -15.38 33.35 14.05
C THR B 364 -14.39 32.28 13.63
N PHE B 365 -14.70 31.52 12.58
CA PHE B 365 -13.88 30.39 12.18
C PHE B 365 -13.50 30.54 10.72
N THR B 366 -12.20 30.42 10.45
CA THR B 366 -11.66 30.46 9.09
C THR B 366 -11.00 29.12 8.81
N TYR B 367 -11.44 28.44 7.76
CA TYR B 367 -10.95 27.10 7.49
C TYR B 367 -9.48 27.14 7.12
N PRO B 368 -8.75 26.06 7.38
CA PRO B 368 -7.31 26.04 7.03
C PRO B 368 -7.12 26.14 5.54
N GLY B 369 -6.48 27.22 5.11
CA GLY B 369 -6.18 27.43 3.70
C GLY B 369 -7.12 28.35 2.97
N ARG B 370 -8.09 28.93 3.65
CA ARG B 370 -9.00 29.90 3.03
C ARG B 370 -8.66 31.30 3.54
N ASP B 371 -9.36 32.27 2.96
CA ASP B 371 -9.13 33.66 3.30
C ASP B 371 -10.39 34.42 3.71
N VAL B 372 -11.56 33.81 3.62
CA VAL B 372 -12.79 34.45 4.09
C VAL B 372 -13.40 33.57 5.18
N PRO B 373 -13.86 34.14 6.29
CA PRO B 373 -14.33 33.32 7.40
C PRO B 373 -15.64 32.62 7.07
N ALA B 374 -15.66 31.30 7.24
CA ALA B 374 -16.88 30.54 7.02
C ALA B 374 -17.95 30.92 8.04
N LEU B 375 -17.55 31.11 9.30
CA LEU B 375 -18.45 31.53 10.36
C LEU B 375 -17.95 32.84 10.94
N ARG B 376 -18.89 33.71 11.33
CA ARG B 376 -18.51 34.98 11.93
C ARG B 376 -19.66 35.47 12.80
N ASN B 377 -19.33 35.89 14.03
CA ASN B 377 -20.28 36.49 14.94
C ASN B 377 -21.50 35.58 15.17
N ILE B 378 -21.22 34.40 15.72
CA ILE B 378 -22.26 33.43 16.03
C ILE B 378 -22.53 33.44 17.53
N ASN B 379 -23.79 33.65 17.89
CA ASN B 379 -24.26 33.52 19.26
C ASN B 379 -25.30 32.42 19.29
N LEU B 380 -24.92 31.25 19.81
CA LEU B 380 -25.76 30.07 19.79
C LEU B 380 -25.77 29.45 21.19
N LYS B 381 -26.95 29.09 21.66
CA LYS B 381 -27.11 28.45 22.96
C LYS B 381 -27.87 27.15 22.78
N ILE B 382 -27.37 26.08 23.39
CA ILE B 382 -27.99 24.77 23.30
C ILE B 382 -28.24 24.27 24.72
N PRO B 383 -29.27 24.76 25.40
CA PRO B 383 -29.46 24.40 26.81
C PRO B 383 -29.77 22.93 26.97
N ALA B 384 -29.44 22.40 28.14
CA ALA B 384 -29.65 20.99 28.41
C ALA B 384 -31.12 20.62 28.30
N GLY B 385 -31.39 19.43 27.79
CA GLY B 385 -32.76 18.98 27.64
C GLY B 385 -33.54 19.76 26.61
N LYS B 386 -32.90 20.17 25.52
CA LYS B 386 -33.56 20.93 24.47
C LYS B 386 -32.96 20.51 23.13
N THR B 387 -33.70 20.78 22.06
CA THR B 387 -33.25 20.52 20.71
C THR B 387 -33.14 21.83 19.94
N VAL B 388 -32.02 22.01 19.24
CA VAL B 388 -31.77 23.20 18.45
C VAL B 388 -31.61 22.77 17.00
N ALA B 389 -32.36 23.40 16.12
CA ALA B 389 -32.42 23.01 14.72
C ALA B 389 -31.71 24.05 13.86
N LEU B 390 -30.86 23.59 12.95
CA LEU B 390 -30.13 24.46 12.04
C LEU B 390 -30.67 24.26 10.64
N VAL B 391 -31.15 25.34 10.02
CA VAL B 391 -31.70 25.30 8.67
C VAL B 391 -31.13 26.46 7.87
N GLY B 392 -31.11 26.28 6.56
CA GLY B 392 -30.62 27.31 5.66
C GLY B 392 -30.19 26.71 4.34
N ARG B 393 -29.57 27.56 3.52
CA ARG B 393 -29.09 27.13 2.22
C ARG B 393 -27.99 26.09 2.37
N SER B 394 -27.76 25.36 1.28
CA SER B 394 -26.68 24.38 1.23
C SER B 394 -25.39 25.12 0.90
N GLY B 395 -24.61 25.41 1.93
CA GLY B 395 -23.40 26.19 1.74
C GLY B 395 -23.14 27.10 2.92
N SER B 396 -24.18 27.38 3.70
CA SER B 396 -23.98 28.06 4.96
C SER B 396 -23.21 27.17 5.91
N GLY B 397 -22.80 27.75 7.04
CA GLY B 397 -22.03 26.98 7.99
C GLY B 397 -22.87 26.32 9.05
N LYS B 398 -23.21 25.06 8.85
CA LYS B 398 -23.91 24.26 9.85
C LYS B 398 -23.20 22.95 10.16
N SER B 399 -22.72 22.23 9.14
CA SER B 399 -21.79 21.14 9.40
C SER B 399 -20.50 21.68 10.02
N THR B 400 -20.15 22.93 9.70
CA THR B 400 -19.02 23.56 10.37
C THR B 400 -19.27 23.73 11.85
N ILE B 401 -20.49 24.14 12.23
CA ILE B 401 -20.82 24.24 13.65
C ILE B 401 -20.75 22.87 14.30
N ALA B 402 -21.27 21.84 13.63
CA ALA B 402 -21.21 20.50 14.18
C ALA B 402 -19.77 20.04 14.39
N SER B 403 -18.90 20.35 13.44
CA SER B 403 -17.48 20.02 13.59
C SER B 403 -16.86 20.79 14.75
N LEU B 404 -17.20 22.07 14.89
CA LEU B 404 -16.60 22.89 15.94
C LEU B 404 -16.95 22.39 17.32
N ILE B 405 -18.22 22.04 17.56
CA ILE B 405 -18.56 21.60 18.92
C ILE B 405 -17.93 20.25 19.24
N THR B 406 -17.58 19.47 18.22
CA THR B 406 -16.80 18.25 18.41
C THR B 406 -15.32 18.55 18.54
N ARG B 407 -14.89 19.76 18.18
CA ARG B 407 -13.50 20.17 18.20
C ARG B 407 -12.68 19.40 17.17
N PHE B 408 -13.24 19.29 15.96
CA PHE B 408 -12.43 18.85 14.82
C PHE B 408 -11.48 19.93 14.37
N TYR B 409 -11.93 21.18 14.39
CA TYR B 409 -11.11 22.34 14.11
C TYR B 409 -11.15 23.29 15.30
N ASP B 410 -10.16 24.15 15.39
CA ASP B 410 -10.05 25.09 16.49
C ASP B 410 -10.66 26.44 16.11
N ILE B 411 -11.22 27.11 17.12
CA ILE B 411 -11.76 28.44 16.90
C ILE B 411 -10.65 29.37 16.44
N ASP B 412 -10.95 30.19 15.43
CA ASP B 412 -10.00 31.24 15.05
C ASP B 412 -9.98 32.35 16.08
N GLU B 413 -11.15 32.79 16.52
CA GLU B 413 -11.24 33.83 17.56
C GLU B 413 -12.61 33.74 18.18
N GLY B 414 -12.68 33.32 19.43
CA GLY B 414 -13.95 33.22 20.13
C GLY B 414 -13.93 32.08 21.13
N GLU B 415 -14.95 32.09 21.99
CA GLU B 415 -15.07 31.10 23.05
C GLU B 415 -16.27 30.19 22.81
N ILE B 416 -16.02 28.89 22.83
CA ILE B 416 -17.08 27.92 22.99
C ILE B 416 -17.23 27.66 24.47
N LEU B 417 -18.36 27.08 24.88
CA LEU B 417 -18.49 26.63 26.26
C LEU B 417 -19.15 25.26 26.28
N MET B 418 -18.94 24.55 27.39
CA MET B 418 -19.53 23.23 27.56
C MET B 418 -19.57 22.93 29.06
N ASP B 419 -20.78 22.88 29.62
CA ASP B 419 -20.97 22.62 31.04
C ASP B 419 -20.25 23.67 31.88
N GLY B 420 -20.22 24.92 31.41
CA GLY B 420 -19.60 25.99 32.15
C GLY B 420 -18.11 26.15 31.98
N HIS B 421 -17.51 25.53 30.97
CA HIS B 421 -16.09 25.70 30.71
C HIS B 421 -15.81 25.53 29.21
N ASP B 422 -14.68 26.10 28.79
CA ASP B 422 -14.31 26.12 27.39
C ASP B 422 -14.02 24.71 26.89
N LEU B 423 -14.13 24.53 25.57
CA LEU B 423 -13.77 23.24 24.98
C LEU B 423 -12.28 23.03 24.93
N ARG B 424 -11.48 24.10 25.04
CA ARG B 424 -10.04 23.94 24.93
C ARG B 424 -9.46 23.32 26.20
N GLU B 425 -10.00 23.67 27.37
CA GLU B 425 -9.50 23.09 28.61
C GLU B 425 -9.78 21.60 28.69
N TYR B 426 -10.95 21.17 28.21
CA TYR B 426 -11.27 19.75 28.22
C TYR B 426 -10.29 18.98 27.34
N THR B 427 -9.78 17.87 27.85
CA THR B 427 -8.95 17.00 27.03
C THR B 427 -9.81 16.30 25.99
N LEU B 428 -9.21 16.02 24.83
CA LEU B 428 -9.99 15.55 23.69
C LEU B 428 -10.62 14.19 23.95
N ALA B 429 -9.86 13.25 24.54
CA ALA B 429 -10.39 11.91 24.74
C ALA B 429 -11.61 11.92 25.64
N SER B 430 -11.69 12.87 26.57
CA SER B 430 -12.83 12.99 27.47
C SER B 430 -13.89 13.94 26.96
N LEU B 431 -13.74 14.44 25.73
CA LEU B 431 -14.71 15.32 25.13
C LEU B 431 -15.56 14.63 24.07
N ARG B 432 -14.94 13.79 23.24
CA ARG B 432 -15.70 13.05 22.24
C ARG B 432 -16.57 11.96 22.86
N ASN B 433 -16.36 11.62 24.14
CA ASN B 433 -17.26 10.72 24.82
C ASN B 433 -18.57 11.39 25.20
N GLN B 434 -18.68 12.70 25.04
CA GLN B 434 -19.89 13.43 25.34
C GLN B 434 -20.69 13.77 24.10
N VAL B 435 -20.28 13.28 22.93
CA VAL B 435 -20.94 13.62 21.67
C VAL B 435 -21.07 12.36 20.84
N ALA B 436 -22.29 12.06 20.40
CA ALA B 436 -22.54 11.02 19.41
C ALA B 436 -23.06 11.71 18.16
N LEU B 437 -22.36 11.52 17.04
CA LEU B 437 -22.61 12.29 15.84
C LEU B 437 -22.84 11.34 14.67
N VAL B 438 -23.95 11.54 13.97
CA VAL B 438 -24.20 10.93 12.67
C VAL B 438 -24.08 12.03 11.62
N SER B 439 -23.21 11.82 10.65
CA SER B 439 -22.90 12.85 9.66
C SER B 439 -23.48 12.48 8.31
N GLN B 440 -23.42 13.44 7.39
CA GLN B 440 -23.69 13.14 6.00
C GLN B 440 -22.51 12.38 5.42
N ASN B 441 -22.72 11.78 4.25
CA ASN B 441 -21.77 10.88 3.61
C ASN B 441 -21.19 9.88 4.61
N VAL B 442 -22.06 9.36 5.49
CA VAL B 442 -21.61 8.59 6.64
C VAL B 442 -20.82 7.36 6.21
N HIS B 443 -19.84 7.00 7.04
CA HIS B 443 -18.96 5.87 6.81
C HIS B 443 -19.35 4.67 7.66
N LEU B 444 -19.11 3.48 7.13
CA LEU B 444 -19.33 2.24 7.85
C LEU B 444 -18.13 1.33 7.65
N PHE B 445 -17.90 0.45 8.62
CA PHE B 445 -16.73 -0.41 8.62
C PHE B 445 -17.08 -1.78 8.07
N ASN B 446 -16.13 -2.38 7.36
CA ASN B 446 -16.32 -3.71 6.77
C ASN B 446 -16.29 -4.74 7.89
N ASP B 447 -17.43 -4.91 8.53
CA ASP B 447 -17.56 -5.84 9.65
C ASP B 447 -19.03 -6.16 9.84
N THR B 448 -19.30 -7.10 10.73
CA THR B 448 -20.68 -7.48 11.02
C THR B 448 -21.49 -6.27 11.45
N VAL B 449 -22.81 -6.39 11.35
CA VAL B 449 -23.66 -5.24 11.63
C VAL B 449 -23.63 -4.89 13.12
N ALA B 450 -23.57 -5.90 13.98
CA ALA B 450 -23.50 -5.62 15.42
C ALA B 450 -22.22 -4.88 15.76
N ASN B 451 -21.09 -5.30 15.18
CA ASN B 451 -19.83 -4.61 15.42
C ASN B 451 -19.77 -3.24 14.75
N ASN B 452 -20.70 -2.94 13.86
CA ASN B 452 -20.82 -1.59 13.33
C ASN B 452 -21.69 -0.71 14.20
N ILE B 453 -22.76 -1.27 14.78
CA ILE B 453 -23.59 -0.49 15.69
C ILE B 453 -22.84 -0.18 16.97
N ALA B 454 -22.21 -1.19 17.58
CA ALA B 454 -21.40 -0.99 18.78
C ALA B 454 -19.93 -0.99 18.34
N TYR B 455 -19.51 0.14 17.76
CA TYR B 455 -18.23 0.18 17.08
C TYR B 455 -17.04 -0.05 17.99
N ALA B 456 -16.80 0.86 18.94
CA ALA B 456 -15.61 0.80 19.76
C ALA B 456 -15.87 0.27 21.16
N ARG B 457 -17.10 -0.07 21.47
CA ARG B 457 -17.44 -0.59 22.79
C ARG B 457 -18.01 -1.99 22.67
N THR B 458 -17.35 -2.83 21.87
CA THR B 458 -17.92 -4.13 21.50
C THR B 458 -18.20 -4.97 22.74
N GLU B 459 -17.33 -4.90 23.75
CA GLU B 459 -17.47 -5.74 24.93
C GLU B 459 -18.13 -5.01 26.10
N GLN B 460 -18.87 -3.95 25.83
CA GLN B 460 -19.64 -3.27 26.88
C GLN B 460 -21.13 -3.31 26.64
N TYR B 461 -21.58 -3.16 25.40
CA TYR B 461 -23.00 -3.19 25.07
C TYR B 461 -23.37 -4.58 24.60
N SER B 462 -24.29 -5.22 25.33
CA SER B 462 -24.64 -6.60 25.05
C SER B 462 -25.58 -6.69 23.84
N ARG B 463 -25.96 -7.92 23.50
CA ARG B 463 -26.73 -8.14 22.28
C ARG B 463 -28.13 -7.52 22.38
N GLU B 464 -28.78 -7.61 23.54
CA GLU B 464 -30.11 -7.03 23.64
C GLU B 464 -30.07 -5.51 23.56
N GLN B 465 -28.99 -4.88 24.04
CA GLN B 465 -28.86 -3.44 23.88
C GLN B 465 -28.68 -3.06 22.42
N ILE B 466 -27.89 -3.83 21.67
CA ILE B 466 -27.74 -3.57 20.25
C ILE B 466 -29.08 -3.75 19.53
N GLU B 467 -29.83 -4.79 19.91
CA GLU B 467 -31.14 -5.00 19.31
C GLU B 467 -32.08 -3.86 19.61
N GLU B 468 -32.06 -3.34 20.84
CA GLU B 468 -32.86 -2.17 21.17
C GLU B 468 -32.44 -0.97 20.36
N ALA B 469 -31.14 -0.77 20.17
CA ALA B 469 -30.68 0.36 19.37
C ALA B 469 -31.16 0.24 17.93
N ALA B 470 -31.12 -0.96 17.37
CA ALA B 470 -31.65 -1.16 16.03
C ALA B 470 -33.15 -0.90 16.00
N ARG B 471 -33.86 -1.35 17.03
CA ARG B 471 -35.31 -1.16 17.06
C ARG B 471 -35.68 0.31 17.12
N MET B 472 -34.93 1.10 17.89
CA MET B 472 -35.23 2.53 17.99
C MET B 472 -35.06 3.23 16.65
N ALA B 473 -34.03 2.85 15.90
CA ALA B 473 -33.74 3.48 14.62
C ALA B 473 -34.53 2.87 13.47
N TYR B 474 -35.61 2.14 13.76
CA TYR B 474 -36.49 1.56 12.75
C TYR B 474 -35.76 0.62 11.81
N ALA B 475 -34.62 0.09 12.22
CA ALA B 475 -33.80 -0.74 11.36
C ALA B 475 -34.06 -2.23 11.53
N MET B 476 -34.99 -2.62 12.41
CA MET B 476 -35.21 -4.03 12.68
C MET B 476 -35.95 -4.74 11.56
N ASP B 477 -36.67 -4.00 10.72
CA ASP B 477 -37.48 -4.65 9.69
C ASP B 477 -36.63 -5.20 8.56
N PHE B 478 -35.49 -4.58 8.26
CA PHE B 478 -34.62 -5.08 7.22
C PHE B 478 -33.42 -5.85 7.76
N ILE B 479 -32.97 -5.53 8.97
CA ILE B 479 -31.84 -6.23 9.56
C ILE B 479 -32.21 -7.65 9.95
N ASN B 480 -33.50 -7.93 10.11
CA ASN B 480 -33.97 -9.26 10.47
C ASN B 480 -34.32 -10.11 9.26
N LYS B 481 -34.25 -9.54 8.05
CA LYS B 481 -34.53 -10.30 6.84
C LYS B 481 -33.27 -10.79 6.13
N MET B 482 -32.11 -10.25 6.47
CA MET B 482 -30.87 -10.71 5.86
C MET B 482 -30.61 -12.16 6.26
N ASP B 483 -29.60 -12.75 5.62
CA ASP B 483 -29.37 -14.18 5.77
C ASP B 483 -28.96 -14.55 7.19
N ASN B 484 -28.05 -13.79 7.80
CA ASN B 484 -27.53 -14.12 9.11
C ASN B 484 -28.00 -13.18 10.21
N GLY B 485 -28.96 -12.30 9.92
CA GLY B 485 -29.47 -11.41 10.94
C GLY B 485 -28.46 -10.36 11.39
N LEU B 486 -28.19 -10.32 12.69
CA LEU B 486 -27.30 -9.29 13.24
C LEU B 486 -25.83 -9.54 12.91
N ASP B 487 -25.47 -10.71 12.39
CA ASP B 487 -24.07 -11.06 12.17
C ASP B 487 -23.65 -10.96 10.71
N THR B 488 -24.52 -10.52 9.81
CA THR B 488 -24.16 -10.45 8.40
C THR B 488 -23.04 -9.46 8.18
N VAL B 489 -22.11 -9.81 7.28
CA VAL B 489 -21.06 -8.88 6.92
C VAL B 489 -21.65 -7.78 6.04
N ILE B 490 -21.35 -6.53 6.37
CA ILE B 490 -21.91 -5.40 5.64
C ILE B 490 -21.05 -4.99 4.46
N GLY B 491 -19.82 -5.49 4.35
CA GLY B 491 -18.97 -5.18 3.23
C GLY B 491 -18.26 -3.86 3.39
N GLU B 492 -17.40 -3.58 2.41
CA GLU B 492 -16.61 -2.35 2.43
C GLU B 492 -17.52 -1.14 2.35
N ASN B 493 -17.44 -0.28 3.36
CA ASN B 493 -18.27 0.93 3.44
C ASN B 493 -19.76 0.63 3.38
N GLY B 494 -20.14 -0.60 3.72
CA GLY B 494 -21.54 -0.97 3.67
C GLY B 494 -22.15 -0.89 2.29
N VAL B 495 -21.36 -1.21 1.25
CA VAL B 495 -21.90 -1.17 -0.10
C VAL B 495 -22.98 -2.22 -0.31
N LEU B 496 -23.01 -3.26 0.52
CA LEU B 496 -24.04 -4.28 0.38
C LEU B 496 -25.42 -3.79 0.78
N LEU B 497 -25.53 -2.60 1.34
CA LEU B 497 -26.81 -2.07 1.79
C LEU B 497 -27.15 -0.79 1.04
N SER B 498 -28.44 -0.47 1.03
CA SER B 498 -28.91 0.74 0.39
C SER B 498 -28.49 1.96 1.18
N GLY B 499 -28.65 3.13 0.56
CA GLY B 499 -28.32 4.36 1.25
C GLY B 499 -29.15 4.58 2.49
N GLY B 500 -30.46 4.31 2.39
CA GLY B 500 -31.32 4.45 3.55
C GLY B 500 -30.96 3.50 4.66
N GLN B 501 -30.61 2.26 4.31
CA GLN B 501 -30.25 1.29 5.33
C GLN B 501 -28.93 1.65 6.00
N ARG B 502 -27.95 2.10 5.22
CA ARG B 502 -26.71 2.60 5.81
C ARG B 502 -26.98 3.75 6.77
N GLN B 503 -27.84 4.68 6.35
CA GLN B 503 -28.20 5.79 7.23
C GLN B 503 -28.85 5.29 8.51
N ARG B 504 -29.72 4.30 8.41
CA ARG B 504 -30.40 3.79 9.59
C ARG B 504 -29.44 3.10 10.54
N ILE B 505 -28.46 2.38 10.00
CA ILE B 505 -27.44 1.78 10.87
C ILE B 505 -26.57 2.85 11.51
N ALA B 506 -26.26 3.91 10.78
CA ALA B 506 -25.52 5.02 11.40
C ALA B 506 -26.31 5.63 12.55
N ILE B 507 -27.62 5.82 12.34
CA ILE B 507 -28.47 6.35 13.41
C ILE B 507 -28.48 5.41 14.60
N ALA B 508 -28.59 4.11 14.34
CA ALA B 508 -28.61 3.14 15.43
C ALA B 508 -27.29 3.12 16.18
N ARG B 509 -26.17 3.34 15.48
CA ARG B 509 -24.89 3.45 16.14
C ARG B 509 -24.83 4.67 17.04
N ALA B 510 -25.35 5.80 16.54
CA ALA B 510 -25.33 7.02 17.35
C ALA B 510 -26.22 6.88 18.58
N LEU B 511 -27.39 6.24 18.42
CA LEU B 511 -28.36 6.16 19.50
C LEU B 511 -27.98 5.14 20.57
N LEU B 512 -27.15 4.15 20.24
CA LEU B 512 -26.77 3.15 21.23
C LEU B 512 -26.05 3.78 22.41
N ARG B 513 -25.12 4.70 22.13
CA ARG B 513 -24.50 5.47 23.20
C ARG B 513 -25.55 6.34 23.88
N ASP B 514 -25.34 6.58 25.17
CA ASP B 514 -26.23 7.47 25.92
C ASP B 514 -25.59 8.82 26.17
N SER B 515 -24.83 9.31 25.19
CA SER B 515 -24.13 10.58 25.35
C SER B 515 -25.12 11.72 25.47
N PRO B 516 -24.83 12.72 26.30
CA PRO B 516 -25.78 13.82 26.49
C PRO B 516 -26.08 14.60 25.22
N ILE B 517 -25.09 14.77 24.35
CA ILE B 517 -25.22 15.60 23.16
C ILE B 517 -25.30 14.70 21.94
N LEU B 518 -26.31 14.93 21.10
CA LEU B 518 -26.52 14.16 19.89
C LEU B 518 -26.62 15.12 18.72
N ILE B 519 -25.80 14.90 17.70
CA ILE B 519 -25.77 15.77 16.53
C ILE B 519 -26.23 14.95 15.32
N LEU B 520 -27.25 15.44 14.64
CA LEU B 520 -27.84 14.73 13.50
C LEU B 520 -27.57 15.56 12.25
N ASP B 521 -26.41 15.36 11.64
CA ASP B 521 -26.06 16.04 10.40
C ASP B 521 -26.83 15.38 9.27
N GLU B 522 -28.05 15.85 9.04
CA GLU B 522 -28.92 15.30 8.00
C GLU B 522 -29.11 13.80 8.21
N ALA B 523 -29.65 13.47 9.39
CA ALA B 523 -29.77 12.07 9.79
C ALA B 523 -30.76 11.29 8.94
N THR B 524 -31.60 11.96 8.15
CA THR B 524 -32.63 11.26 7.40
C THR B 524 -32.65 11.73 5.95
N SER B 525 -31.46 11.92 5.38
CA SER B 525 -31.38 12.41 4.00
C SER B 525 -32.00 11.42 3.03
N ALA B 526 -31.73 10.14 3.19
CA ALA B 526 -32.09 9.13 2.21
C ALA B 526 -33.10 8.15 2.76
N LEU B 527 -34.14 8.64 3.43
CA LEU B 527 -35.20 7.80 3.95
C LEU B 527 -36.55 8.33 3.48
N ASP B 528 -37.47 7.42 3.22
CA ASP B 528 -38.81 7.81 2.83
C ASP B 528 -39.52 8.46 4.00
N THR B 529 -40.67 9.06 3.69
CA THR B 529 -41.32 9.96 4.65
C THR B 529 -41.73 9.24 5.92
N GLU B 530 -42.29 8.04 5.80
CA GLU B 530 -42.85 7.42 7.01
C GLU B 530 -41.77 6.79 7.88
N SER B 531 -40.67 6.31 7.31
CA SER B 531 -39.58 5.86 8.17
C SER B 531 -38.95 7.05 8.88
N GLU B 532 -38.89 8.21 8.21
CA GLU B 532 -38.48 9.44 8.88
C GLU B 532 -39.41 9.75 10.04
N ARG B 533 -40.72 9.63 9.82
CA ARG B 533 -41.69 9.85 10.90
C ARG B 533 -41.46 8.87 12.05
N ALA B 534 -41.23 7.60 11.73
CA ALA B 534 -41.04 6.60 12.77
C ALA B 534 -39.77 6.86 13.57
N ILE B 535 -38.67 7.21 12.89
CA ILE B 535 -37.43 7.51 13.59
C ILE B 535 -37.62 8.71 14.50
N GLN B 536 -38.26 9.77 13.99
CA GLN B 536 -38.45 10.96 14.82
C GLN B 536 -39.36 10.66 16.00
N ALA B 537 -40.37 9.82 15.81
CA ALA B 537 -41.22 9.43 16.93
C ALA B 537 -40.44 8.66 17.98
N ALA B 538 -39.60 7.71 17.55
CA ALA B 538 -38.78 6.98 18.50
C ALA B 538 -37.71 7.86 19.12
N LEU B 539 -37.18 8.82 18.35
CA LEU B 539 -36.19 9.74 18.89
C LEU B 539 -36.80 10.70 19.90
N ASP B 540 -38.11 10.98 19.79
CA ASP B 540 -38.76 11.92 20.68
C ASP B 540 -38.79 11.41 22.12
N GLU B 541 -38.63 10.11 22.33
CA GLU B 541 -38.59 9.58 23.70
C GLU B 541 -37.36 10.10 24.44
N LEU B 542 -36.21 10.16 23.78
CA LEU B 542 -34.97 10.52 24.43
C LEU B 542 -34.84 12.01 24.71
N GLN B 543 -35.66 12.85 24.08
CA GLN B 543 -35.51 14.29 24.23
C GLN B 543 -35.79 14.77 25.64
N LYS B 544 -36.40 13.94 26.48
CA LYS B 544 -36.66 14.33 27.85
C LYS B 544 -35.37 14.61 28.61
N ASN B 545 -34.27 13.99 28.22
CA ASN B 545 -33.00 14.17 28.90
C ASN B 545 -31.89 14.57 27.94
N ARG B 546 -32.01 14.18 26.68
CA ARG B 546 -30.96 14.44 25.72
C ARG B 546 -30.91 15.92 25.35
N THR B 547 -29.79 16.32 24.76
CA THR B 547 -29.57 17.68 24.27
C THR B 547 -29.10 17.53 22.83
N SER B 548 -30.03 17.48 21.90
CA SER B 548 -29.71 17.14 20.52
C SER B 548 -29.62 18.39 19.66
N LEU B 549 -28.71 18.35 18.70
CA LEU B 549 -28.58 19.37 17.67
C LEU B 549 -28.96 18.71 16.34
N VAL B 550 -30.07 19.14 15.75
CA VAL B 550 -30.62 18.52 14.56
C VAL B 550 -30.38 19.43 13.38
N ILE B 551 -29.63 18.95 12.39
CA ILE B 551 -29.39 19.65 11.14
C ILE B 551 -30.22 18.95 10.08
N ALA B 552 -31.11 19.69 9.42
CA ALA B 552 -32.01 19.06 8.47
C ALA B 552 -32.55 20.08 7.48
N HIS B 553 -32.74 19.64 6.24
CA HIS B 553 -33.40 20.45 5.22
C HIS B 553 -34.86 20.11 5.04
N ARG B 554 -35.31 18.99 5.57
CA ARG B 554 -36.73 18.62 5.52
C ARG B 554 -37.41 19.28 6.71
N LEU B 555 -38.00 20.45 6.49
CA LEU B 555 -38.55 21.24 7.59
C LEU B 555 -39.66 20.50 8.33
N SER B 556 -40.27 19.49 7.71
CA SER B 556 -41.27 18.71 8.41
C SER B 556 -40.66 17.79 9.46
N THR B 557 -39.35 17.58 9.43
CA THR B 557 -38.69 16.76 10.43
C THR B 557 -38.56 17.48 11.77
N ILE B 558 -38.42 18.79 11.74
CA ILE B 558 -38.02 19.54 12.93
C ILE B 558 -39.05 20.62 13.27
N GLU B 559 -40.31 20.37 12.94
CA GLU B 559 -41.36 21.33 13.31
C GLU B 559 -41.54 21.44 14.81
N LYS B 560 -41.01 20.50 15.59
CA LYS B 560 -41.14 20.50 17.04
C LYS B 560 -39.85 20.86 17.75
N ALA B 561 -38.93 21.54 17.07
CA ALA B 561 -37.68 21.93 17.70
C ALA B 561 -37.94 23.00 18.77
N ASP B 562 -37.15 22.94 19.85
CA ASP B 562 -37.28 23.95 20.90
C ASP B 562 -36.96 25.34 20.37
N GLU B 563 -35.90 25.46 19.58
CA GLU B 563 -35.61 26.70 18.88
C GLU B 563 -34.96 26.36 17.55
N ILE B 564 -35.36 27.08 16.51
CA ILE B 564 -34.88 26.87 15.15
C ILE B 564 -33.91 28.00 14.83
N VAL B 565 -32.71 27.64 14.40
CA VAL B 565 -31.66 28.60 14.10
C VAL B 565 -31.45 28.61 12.58
N VAL B 566 -31.75 29.73 11.94
CA VAL B 566 -31.66 29.87 10.50
C VAL B 566 -30.30 30.46 10.18
N VAL B 567 -29.41 29.66 9.61
CA VAL B 567 -28.07 30.10 9.28
C VAL B 567 -27.97 30.32 7.77
N GLU B 568 -27.81 31.58 7.37
CA GLU B 568 -27.57 31.95 5.98
C GLU B 568 -26.06 31.98 5.79
N ASP B 569 -25.57 32.65 4.74
CA ASP B 569 -24.20 32.54 4.24
C ASP B 569 -23.16 32.29 5.33
N GLY B 570 -23.11 33.12 6.36
CA GLY B 570 -22.24 32.80 7.46
C GLY B 570 -22.72 33.25 8.83
N VAL B 571 -23.93 33.80 8.91
CA VAL B 571 -24.39 34.47 10.12
C VAL B 571 -25.77 33.94 10.47
N ILE B 572 -26.05 33.79 11.77
CA ILE B 572 -27.38 33.45 12.24
C ILE B 572 -28.32 34.60 11.95
N VAL B 573 -29.34 34.35 11.14
CA VAL B 573 -30.28 35.37 10.72
C VAL B 573 -31.54 35.39 11.58
N GLU B 574 -32.17 34.24 11.74
CA GLU B 574 -33.41 34.13 12.50
C GLU B 574 -33.26 33.03 13.54
N ARG B 575 -33.97 33.19 14.65
CA ARG B 575 -34.01 32.15 15.67
C ARG B 575 -35.30 32.27 16.46
N GLY B 576 -35.75 31.15 16.99
CA GLY B 576 -36.99 31.06 17.72
C GLY B 576 -37.67 29.75 17.44
N THR B 577 -38.90 29.63 17.91
CA THR B 577 -39.67 28.41 17.71
C THR B 577 -40.25 28.38 16.30
N HIS B 578 -41.04 27.36 16.02
CA HIS B 578 -41.68 27.24 14.72
C HIS B 578 -42.71 28.35 14.51
N ASN B 579 -43.61 28.52 15.48
CA ASN B 579 -44.69 29.50 15.32
C ASN B 579 -44.16 30.92 15.30
N ASP B 580 -43.17 31.22 16.14
CA ASP B 580 -42.63 32.58 16.16
C ASP B 580 -41.99 32.95 14.84
N LEU B 581 -41.23 32.02 14.24
CA LEU B 581 -40.65 32.28 12.93
C LEU B 581 -41.73 32.40 11.85
N LEU B 582 -42.74 31.52 11.90
CA LEU B 582 -43.78 31.56 10.88
C LEU B 582 -44.56 32.86 10.93
N GLU B 583 -44.88 33.36 12.14
CA GLU B 583 -45.59 34.62 12.25
C GLU B 583 -44.72 35.80 11.83
N HIS B 584 -43.40 35.67 11.99
CA HIS B 584 -42.51 36.80 11.75
C HIS B 584 -42.41 37.13 10.26
N ARG B 585 -42.75 36.18 9.39
CA ARG B 585 -42.68 36.38 7.94
C ARG B 585 -41.27 36.70 7.48
N GLY B 586 -40.29 36.03 8.07
CA GLY B 586 -38.90 36.19 7.70
C GLY B 586 -38.46 35.19 6.67
N VAL B 587 -37.16 34.90 6.65
CA VAL B 587 -36.60 33.93 5.71
C VAL B 587 -37.23 32.56 5.92
N TYR B 588 -37.56 32.22 7.17
CA TYR B 588 -38.20 30.95 7.44
C TYR B 588 -39.56 30.84 6.75
N ALA B 589 -40.28 31.95 6.63
CA ALA B 589 -41.56 31.92 5.94
C ALA B 589 -41.38 31.49 4.48
N GLN B 590 -40.39 32.07 3.81
CA GLN B 590 -40.11 31.66 2.43
C GLN B 590 -39.64 30.22 2.37
N LEU B 591 -38.78 29.81 3.31
CA LEU B 591 -38.31 28.42 3.32
C LEU B 591 -39.46 27.45 3.54
N HIS B 592 -40.51 27.88 4.23
CA HIS B 592 -41.65 27.01 4.49
C HIS B 592 -42.68 27.02 3.38
N LYS B 593 -42.83 28.15 2.67
CA LYS B 593 -43.79 28.18 1.58
C LYS B 593 -43.41 27.20 0.47
N MET B 594 -42.12 26.91 0.33
CA MET B 594 -41.64 25.99 -0.68
C MET B 594 -41.80 24.52 -0.29
N GLN B 595 -42.59 24.22 0.75
CA GLN B 595 -42.73 22.85 1.22
C GLN B 595 -43.28 21.93 0.13
V VO4 C . -32.86 4.47 -0.80
O1 VO4 C . -34.13 3.10 -1.18
O2 VO4 C . -32.02 5.07 -2.41
O3 VO4 C . -33.74 5.94 0.03
O4 VO4 C . -31.52 3.77 0.36
PB ADP D . -32.42 1.05 -2.73
O1B ADP D . -31.85 2.41 -2.39
O2B ADP D . -33.13 0.38 -1.59
O3B ADP D . -33.15 1.01 -4.04
PA ADP D . -31.15 -1.34 -3.53
O1A ADP D . -29.80 -1.61 -4.14
O2A ADP D . -32.38 -1.55 -4.36
O3A ADP D . -31.10 0.17 -2.98
O5' ADP D . -31.26 -2.27 -2.23
C5' ADP D . -32.49 -2.90 -1.90
C4' ADP D . -32.14 -4.16 -1.12
O4' ADP D . -31.20 -4.91 -1.88
C3' ADP D . -31.47 -3.81 0.20
O3' ADP D . -32.33 -4.16 1.28
C2' ADP D . -30.20 -4.62 0.26
O2' ADP D . -30.31 -5.58 1.31
C1' ADP D . -30.11 -5.34 -1.07
N9 ADP D . -28.83 -5.00 -1.74
C8 ADP D . -28.55 -3.82 -2.32
N7 ADP D . -27.31 -3.82 -2.86
C5 ADP D . -26.77 -5.02 -2.63
C6 ADP D . -25.49 -5.68 -2.93
N6 ADP D . -24.51 -5.04 -3.60
N1 ADP D . -25.32 -6.96 -2.51
C2 ADP D . -26.29 -7.60 -1.84
N3 ADP D . -27.48 -7.06 -1.54
C4 ADP D . -27.78 -5.80 -1.90
MG MG E . -30.39 4.11 -3.47
P POV F . 27.06 -26.60 -5.70
C1 POV F . 25.05 -24.96 -5.99
C2 POV F . 24.09 -24.36 -7.02
C3 POV F . 23.11 -25.42 -7.54
C210 POV F . 24.62 -19.11 -14.10
C310 POV F . 19.85 -20.04 -6.62
O11 POV F . 25.71 -26.08 -6.50
O12 POV F . 27.31 -28.21 -6.02
O13 POV F . 26.87 -26.42 -4.22
O14 POV F . 28.26 -25.80 -6.13
C21 POV F . 25.10 -24.43 -9.22
O21 POV F . 24.80 -23.71 -8.06
C22 POV F . 24.75 -23.83 -10.58
O22 POV F . 25.66 -25.47 -9.18
C23 POV F . 23.27 -23.44 -10.63
C24 POV F . 22.91 -23.04 -12.06
C25 POV F . 21.67 -22.15 -12.06
C26 POV F . 21.96 -20.86 -11.28
C27 POV F . 22.93 -20.00 -12.08
C28 POV F . 22.30 -19.59 -13.41
C29 POV F . 23.39 -19.38 -14.47
C31 POV F . 20.79 -25.65 -7.75
O31 POV F . 21.88 -24.79 -7.83
C32 POV F . 19.48 -25.27 -8.45
O32 POV F . 20.86 -26.66 -7.16
C33 POV F . 18.29 -25.83 -7.67
C34 POV F . 17.00 -25.21 -8.21
C35 POV F . 16.26 -24.45 -7.12
C36 POV F . 16.95 -23.11 -6.85
C37 POV F . 17.30 -22.41 -8.16
C38 POV F . 18.64 -21.69 -8.01
C39 POV F . 18.47 -20.51 -7.07
V VO4 G . -25.76 21.02 3.36
O1 VO4 G . -26.95 22.16 4.32
O2 VO4 G . -24.75 19.99 4.59
O3 VO4 G . -26.77 19.84 2.24
O4 VO4 G . -24.60 22.07 2.26
PB ADP H . -22.92 22.51 5.42
O1B ADP H . -22.35 21.15 5.15
O2B ADP H . -24.29 22.75 4.83
O3B ADP H . -22.76 22.98 6.84
PA ADP H . -20.50 23.77 5.23
O1A ADP H . -19.77 22.46 5.35
O2A ADP H . -20.64 24.64 6.44
O3A ADP H . -21.96 23.52 4.63
O5' ADP H . -19.78 24.66 4.10
C5' ADP H . -19.28 25.94 4.44
C4' ADP H . -18.07 26.19 3.56
O4' ADP H . -16.91 25.70 4.22
C3' ADP H . -18.19 25.45 2.25
O3' ADP H . -18.41 26.36 1.18
C2' ADP H . -16.86 24.75 2.06
O2' ADP H . -16.22 25.26 0.90
C1' ADP H . -16.03 25.11 3.28
N9 ADP H . -15.43 23.89 3.88
C8 ADP H . -16.10 22.85 4.39
N7 ADP H . -15.24 21.90 4.86
C5 ADP H . -13.99 22.36 4.64
C6 ADP H . -12.62 21.86 4.91
N6 ADP H . -12.41 20.66 5.49
N1 ADP H . -11.59 22.65 4.53
C2 ADP H . -11.79 23.83 3.94
N3 ADP H . -13.01 24.35 3.69
C4 ADP H . -14.13 23.66 4.01
MG MG I . -23.38 19.61 5.80
P POV J . 38.57 -1.91 2.77
C1 POV J . 36.75 -0.44 3.97
C2 POV J . 35.38 -0.51 4.65
C3 POV J . 34.70 -1.81 4.23
C210 POV J . 38.43 6.61 7.10
O11 POV J . 37.06 -1.67 3.39
C211 POV J . 38.87 8.01 7.50
O12 POV J . 38.95 -3.51 2.84
C212 POV J . 38.69 8.98 6.33
O13 POV J . 38.61 -1.48 1.33
O14 POV J . 39.58 -1.11 3.55
C21 POV J . 33.54 0.90 5.13
O21 POV J . 34.59 0.58 4.25
C22 POV J . 32.48 1.91 4.72
O22 POV J . 33.47 0.37 6.20
C23 POV J . 32.23 2.90 5.87
C24 POV J . 33.53 3.60 6.25
C25 POV J . 33.23 4.94 6.91
C26 POV J . 34.43 5.35 7.78
C27 POV J . 34.79 6.81 7.52
C28 POV J . 36.19 7.08 8.06
C29 POV J . 37.20 6.18 7.35
O31 POV J . 35.06 -2.82 5.13
#